data_5U47
#
_entry.id   5U47
#
_cell.length_a   53.535
_cell.length_b   78.494
_cell.length_c   164.856
_cell.angle_alpha   90.00
_cell.angle_beta   90.00
_cell.angle_gamma   90.00
#
_symmetry.space_group_name_H-M   'P 21 21 21'
#
loop_
_entity.id
_entity.type
_entity.pdbx_description
1 polymer 'Penicillin binding protein 2X'
2 non-polymer 'CHLORIDE ION'
3 non-polymer 'ACETATE ION'
4 water water
#
_entity_poly.entity_id   1
_entity_poly.type   'polypeptide(L)'
_entity_poly.pdbx_seq_one_letter_code
;SNAIGTDSKFGVDLSTQAAKSYNTKTIVAAKRGTIYDRNGNVLAEDSTSYSIYAIVSTSYVSPTREKLYVQESQFDKVAD
ILKDKLGIKKSYTLAQLRTKGAYQVSFGLKGKGITYSVKEDLEKTFKDAGIKGMAFEATTSRMYPNGTFASEFLGRAEPI
ENKKDGSYSLIGQTGLERSLNSLLTGTDGEAIYEKDKDGNTLLGTETITKEAIDGKNIYTTLSAPLQTFLETQMDTFMEQ
TKGINASATVVNAKTGEILATTQRPTYNSDTLEGQAKKGYDWVNRLYEAQYEPGSTMKVMLLSAAINNGSFNPNATYSNA
NGIKVGDVEINDWSINEGISKGRTMSFAQGFSYSSNVGMTMLEQAMGDKVWSNYLSLYKFGIPTRFGMVGESSGIVSQNS
VNIAQSSFGQGISVTQVQMLRAFTAISNNGIMLEPQFIKQVADTNKGTVRTAKKEVIGKPVSKQAASETRNYMISVGTDP
EFGTLYNKSEGSPIIQVGNNDVTVKSGTAQVPDEKTGTYKVGTNETLNSVVAMVPSEDPEYIMYVTVQEPKTWNNNFFAT
VVNPVLEEAMSMGATLDTSVSEGSGKTEETSYQTGDIIGKTPGETANTLRQNLVHPIVLGVGNKIEKVSVDAKENIKANE
QILIMTNEFTELPDMYGWTKKNVETFAKWKGIKITYKGGKSGTVTKQSVAAGEALSKTKKITITLGD
;
_entity_poly.pdbx_strand_id   A
#
loop_
_chem_comp.id
_chem_comp.type
_chem_comp.name
_chem_comp.formula
ACT non-polymer 'ACETATE ION' 'C2 H3 O2 -1'
CL non-polymer 'CHLORIDE ION' 'Cl -1'
#
# COMPACT_ATOMS: atom_id res chain seq x y z
N THR A 24 6.13 40.02 -13.92
CA THR A 24 5.29 38.77 -13.82
C THR A 24 6.18 37.52 -13.68
N LYS A 25 5.92 36.73 -12.65
CA LYS A 25 6.70 35.54 -12.34
C LYS A 25 6.14 34.25 -12.96
N THR A 26 6.99 33.24 -13.04
CA THR A 26 6.65 31.92 -13.54
C THR A 26 7.16 30.91 -12.52
N ILE A 27 6.31 29.95 -12.17
CA ILE A 27 6.67 28.92 -11.22
C ILE A 27 7.79 28.04 -11.78
N VAL A 28 8.72 27.67 -10.91
CA VAL A 28 9.80 26.73 -11.23
C VAL A 28 9.53 25.53 -10.32
N ALA A 29 9.14 24.42 -10.92
CA ALA A 29 8.83 23.22 -10.17
C ALA A 29 10.05 22.71 -9.44
N ALA A 30 9.86 22.33 -8.20
CA ALA A 30 10.93 21.74 -7.41
C ALA A 30 11.17 20.30 -7.88
N LYS A 31 12.37 19.80 -7.60
CA LYS A 31 12.66 18.42 -7.87
C LYS A 31 11.76 17.56 -6.96
N ARG A 32 11.08 16.59 -7.57
CA ARG A 32 10.23 15.69 -6.83
C ARG A 32 11.10 14.65 -6.13
N GLY A 33 10.70 14.29 -4.91
CA GLY A 33 11.40 13.32 -4.13
C GLY A 33 11.49 11.98 -4.84
N THR A 34 12.52 11.23 -4.48
CA THR A 34 12.75 9.91 -5.04
C THR A 34 12.06 8.91 -4.14
N ILE A 35 11.52 7.85 -4.75
CA ILE A 35 10.91 6.74 -4.04
C ILE A 35 11.89 5.60 -4.15
N TYR A 36 12.27 5.07 -2.99
CA TYR A 36 13.23 3.99 -2.88
C TYR A 36 12.62 2.72 -2.27
N ASP A 37 13.33 1.62 -2.40
CA ASP A 37 12.97 0.45 -1.69
C ASP A 37 13.60 0.63 -0.27
N ARG A 38 13.48 -0.37 0.58
CA ARG A 38 13.93 -0.27 1.97
C ARG A 38 15.44 -0.07 2.17
N ASN A 39 16.24 -0.39 1.13
CA ASN A 39 17.69 -0.27 1.19
C ASN A 39 18.25 0.74 0.21
N GLY A 40 17.40 1.65 -0.30
CA GLY A 40 17.88 2.68 -1.21
C GLY A 40 17.93 2.37 -2.71
N ASN A 41 17.32 1.28 -3.15
CA ASN A 41 17.24 1.00 -4.58
C ASN A 41 16.17 1.92 -5.15
N VAL A 42 16.51 2.60 -6.24
CA VAL A 42 15.60 3.58 -6.85
C VAL A 42 14.39 2.92 -7.50
N LEU A 43 13.19 3.38 -7.11
CA LEU A 43 11.93 2.89 -7.69
C LEU A 43 11.27 3.91 -8.61
N ALA A 44 11.40 5.20 -8.25
CA ALA A 44 10.91 6.31 -9.04
C ALA A 44 11.75 7.55 -8.77
N GLU A 45 12.19 8.22 -9.82
CA GLU A 45 13.00 9.41 -9.66
C GLU A 45 12.82 10.33 -10.85
N ASP A 46 13.11 11.61 -10.61
CA ASP A 46 13.04 12.62 -11.66
C ASP A 46 14.20 12.48 -12.62
N SER A 47 13.91 12.80 -13.88
CA SER A 47 14.89 12.80 -14.96
C SER A 47 14.68 14.08 -15.77
N THR A 48 15.75 14.86 -15.91
CA THR A 48 15.71 16.13 -16.65
C THR A 48 16.36 15.98 -18.01
N SER A 49 15.66 16.45 -19.03
CA SER A 49 16.19 16.48 -20.39
C SER A 49 15.94 17.93 -20.87
N TYR A 50 16.45 18.26 -22.05
CA TYR A 50 16.37 19.65 -22.50
C TYR A 50 15.89 19.82 -23.93
N SER A 51 15.24 20.96 -24.16
CA SER A 51 14.73 21.33 -25.46
C SER A 51 15.48 22.59 -25.88
N ILE A 52 16.03 22.54 -27.10
CA ILE A 52 16.86 23.64 -27.62
C ILE A 52 16.01 24.66 -28.41
N TYR A 53 16.28 25.94 -28.18
CA TYR A 53 15.59 27.04 -28.86
C TYR A 53 16.60 28.03 -29.40
N ALA A 54 16.17 28.79 -30.40
CA ALA A 54 17.02 29.82 -31.00
C ALA A 54 16.21 31.10 -31.14
N ILE A 55 16.65 32.17 -30.49
CA ILE A 55 15.97 33.45 -30.62
C ILE A 55 16.55 34.18 -31.83
N VAL A 56 15.69 34.43 -32.82
CA VAL A 56 16.10 35.08 -34.09
C VAL A 56 15.61 36.52 -34.25
N SER A 57 14.73 36.98 -33.35
CA SER A 57 14.18 38.34 -33.46
C SER A 57 15.27 39.41 -33.41
N THR A 58 15.25 40.32 -34.37
CA THR A 58 16.21 41.42 -34.40
C THR A 58 15.92 42.43 -33.26
N SER A 59 14.77 42.28 -32.60
CA SER A 59 14.43 43.12 -31.45
C SER A 59 15.09 42.64 -30.16
N TYR A 60 15.67 41.44 -30.16
CA TYR A 60 16.29 40.89 -28.95
C TYR A 60 17.71 41.44 -28.76
N VAL A 61 17.77 42.68 -28.27
CA VAL A 61 19.04 43.36 -28.04
C VAL A 61 19.10 43.92 -26.61
N SER A 62 20.30 44.16 -26.13
CA SER A 62 20.50 44.76 -24.81
C SER A 62 20.15 46.23 -24.89
N PRO A 63 20.10 46.93 -23.73
CA PRO A 63 19.82 48.38 -23.76
C PRO A 63 20.80 49.20 -24.62
N THR A 64 22.04 48.71 -24.82
CA THR A 64 23.02 49.40 -25.69
C THR A 64 23.04 48.83 -27.12
N ARG A 65 22.01 48.04 -27.44
CA ARG A 65 21.84 47.40 -28.76
C ARG A 65 22.85 46.32 -29.08
N GLU A 66 23.41 45.67 -28.06
CA GLU A 66 24.26 44.51 -28.29
C GLU A 66 23.29 43.46 -28.81
N LYS A 67 23.63 42.84 -29.93
CA LYS A 67 22.77 41.81 -30.50
C LYS A 67 22.87 40.54 -29.65
N LEU A 68 21.74 40.12 -29.09
CA LEU A 68 21.70 38.90 -28.25
C LEU A 68 21.03 37.73 -28.99
N TYR A 69 20.62 37.97 -30.24
CA TYR A 69 19.96 36.96 -31.06
C TYR A 69 20.99 36.25 -31.94
N VAL A 70 20.59 35.14 -32.53
CA VAL A 70 21.46 34.41 -33.45
C VAL A 70 21.41 35.19 -34.77
N GLN A 71 22.56 35.61 -35.26
CA GLN A 71 22.60 36.42 -36.48
C GLN A 71 22.68 35.52 -37.71
N GLU A 72 22.16 36.03 -38.83
CA GLU A 72 22.17 35.27 -40.11
C GLU A 72 23.57 34.87 -40.54
N SER A 73 24.57 35.72 -40.26
CA SER A 73 25.97 35.39 -40.59
C SER A 73 26.41 34.08 -39.90
N GLN A 74 25.71 33.71 -38.82
CA GLN A 74 26.00 32.51 -38.03
C GLN A 74 25.07 31.32 -38.27
N PHE A 75 23.94 31.54 -38.96
CA PHE A 75 22.97 30.45 -39.25
C PHE A 75 23.62 29.13 -39.72
N ASP A 76 24.53 29.24 -40.68
CA ASP A 76 25.22 28.08 -41.25
C ASP A 76 26.09 27.34 -40.23
N LYS A 77 26.77 28.07 -39.35
CA LYS A 77 27.61 27.44 -38.34
C LYS A 77 26.74 26.68 -37.32
N VAL A 78 25.58 27.27 -36.98
CA VAL A 78 24.62 26.63 -36.08
C VAL A 78 24.16 25.31 -36.72
N ALA A 79 23.93 25.30 -38.03
CA ALA A 79 23.50 24.07 -38.71
C ALA A 79 24.59 22.98 -38.64
N ASP A 80 25.84 23.40 -38.84
CA ASP A 80 26.98 22.47 -38.76
C ASP A 80 27.01 21.83 -37.38
N ILE A 81 26.84 22.68 -36.37
CA ILE A 81 26.82 22.22 -34.99
C ILE A 81 25.65 21.26 -34.71
N LEU A 82 24.45 21.64 -35.15
CA LEU A 82 23.27 20.80 -34.91
C LEU A 82 23.34 19.45 -35.65
N LYS A 83 23.96 19.45 -36.83
N LYS A 83 23.97 19.46 -36.82
CA LYS A 83 24.13 18.23 -37.60
CA LYS A 83 24.15 18.27 -37.65
C LYS A 83 25.08 17.29 -36.87
C LYS A 83 25.12 17.28 -36.96
N ASP A 84 26.28 17.79 -36.56
CA ASP A 84 27.28 16.98 -35.87
C ASP A 84 26.80 16.47 -34.48
N LYS A 85 26.18 17.36 -33.71
CA LYS A 85 25.76 17.03 -32.33
C LYS A 85 24.37 16.34 -32.14
N LEU A 86 23.38 16.67 -32.99
CA LEU A 86 22.03 16.10 -32.90
C LEU A 86 21.56 15.33 -34.12
N GLY A 87 22.34 15.32 -35.20
CA GLY A 87 21.94 14.61 -36.41
C GLY A 87 20.79 15.29 -37.14
N ILE A 88 20.67 16.61 -36.98
CA ILE A 88 19.62 17.38 -37.63
C ILE A 88 20.15 17.88 -38.98
N LYS A 89 19.39 17.62 -40.04
CA LYS A 89 19.77 18.05 -41.41
C LYS A 89 19.91 19.56 -41.47
N LYS A 90 21.01 20.02 -42.06
CA LYS A 90 21.32 21.46 -42.18
C LYS A 90 20.17 22.28 -42.75
N SER A 91 19.51 21.73 -43.77
CA SER A 91 18.38 22.41 -44.41
C SER A 91 17.19 22.62 -43.47
N TYR A 92 17.00 21.73 -42.50
CA TYR A 92 15.90 21.89 -41.54
C TYR A 92 16.23 23.00 -40.52
N THR A 93 17.45 22.95 -39.97
CA THR A 93 17.94 23.97 -39.03
C THR A 93 17.84 25.34 -39.69
N LEU A 94 18.38 25.45 -40.92
CA LEU A 94 18.35 26.71 -41.68
C LEU A 94 16.91 27.19 -41.92
N ALA A 95 16.03 26.27 -42.31
CA ALA A 95 14.61 26.59 -42.54
C ALA A 95 13.99 27.23 -41.32
N GLN A 96 14.11 26.53 -40.19
CA GLN A 96 13.56 26.99 -38.90
C GLN A 96 14.13 28.34 -38.49
N LEU A 97 15.44 28.49 -38.57
CA LEU A 97 16.12 29.72 -38.20
C LEU A 97 15.63 30.92 -39.02
N ARG A 98 15.24 30.68 -40.27
CA ARG A 98 14.72 31.72 -41.17
C ARG A 98 13.18 31.89 -41.13
N THR A 99 12.47 31.26 -40.19
CA THR A 99 11.00 31.38 -40.12
C THR A 99 10.58 32.86 -40.09
N LYS A 100 9.59 33.21 -40.91
CA LYS A 100 9.07 34.59 -40.96
C LYS A 100 8.21 34.97 -39.75
N GLY A 101 8.44 36.17 -39.21
CA GLY A 101 7.69 36.68 -38.05
C GLY A 101 7.94 36.01 -36.71
N ALA A 102 8.86 35.04 -36.68
CA ALA A 102 9.17 34.28 -35.46
C ALA A 102 10.13 35.01 -34.54
N TYR A 103 9.93 34.83 -33.23
CA TYR A 103 10.78 35.45 -32.23
C TYR A 103 11.82 34.41 -31.82
N GLN A 104 11.31 33.29 -31.30
CA GLN A 104 12.11 32.17 -30.88
C GLN A 104 11.58 30.93 -31.57
N VAL A 105 12.49 30.12 -32.11
CA VAL A 105 12.09 28.91 -32.81
C VAL A 105 12.70 27.66 -32.15
N SER A 106 12.05 26.53 -32.37
CA SER A 106 12.48 25.24 -31.85
C SER A 106 12.98 24.37 -33.03
N PHE A 107 13.33 23.12 -32.74
CA PHE A 107 13.92 22.26 -33.77
C PHE A 107 13.36 20.83 -33.80
N GLY A 108 12.07 20.69 -33.47
CA GLY A 108 11.38 19.39 -33.52
C GLY A 108 11.85 18.32 -32.56
N LEU A 109 11.52 17.06 -32.88
CA LEU A 109 11.87 15.91 -32.01
C LEU A 109 13.35 15.76 -31.70
N LYS A 110 14.22 15.99 -32.68
CA LYS A 110 15.67 15.90 -32.43
C LYS A 110 16.13 17.07 -31.52
N GLY A 111 15.31 18.11 -31.43
CA GLY A 111 15.61 19.28 -30.59
C GLY A 111 15.05 19.20 -29.19
N LYS A 112 14.50 18.04 -28.83
CA LYS A 112 13.90 17.81 -27.51
C LYS A 112 14.42 16.51 -26.92
N GLY A 113 14.31 16.37 -25.61
CA GLY A 113 14.78 15.17 -24.91
C GLY A 113 16.29 15.05 -24.92
N ILE A 114 16.98 16.17 -25.03
CA ILE A 114 18.42 16.20 -25.06
C ILE A 114 18.94 15.99 -23.65
N THR A 115 19.91 15.08 -23.50
CA THR A 115 20.50 14.82 -22.20
C THR A 115 21.33 16.01 -21.74
N TYR A 116 21.67 15.98 -20.45
CA TYR A 116 22.48 17.03 -19.83
C TYR A 116 23.90 17.11 -20.45
N SER A 117 24.52 15.95 -20.66
CA SER A 117 25.88 15.91 -21.23
C SER A 117 25.95 16.52 -22.62
N VAL A 118 24.96 16.20 -23.47
CA VAL A 118 24.93 16.75 -24.82
C VAL A 118 24.63 18.25 -24.78
N LYS A 119 23.72 18.66 -23.89
CA LYS A 119 23.38 20.09 -23.73
C LYS A 119 24.64 20.89 -23.37
N GLU A 120 25.37 20.41 -22.36
CA GLU A 120 26.62 21.05 -21.92
C GLU A 120 27.65 21.13 -23.05
N ASP A 121 27.73 20.08 -23.87
CA ASP A 121 28.62 20.05 -25.02
C ASP A 121 28.16 21.12 -26.01
N LEU A 122 26.88 21.10 -26.37
CA LEU A 122 26.31 22.11 -27.28
C LEU A 122 26.57 23.53 -26.79
N GLU A 123 26.31 23.79 -25.51
CA GLU A 123 26.56 25.13 -24.94
C GLU A 123 28.00 25.56 -25.12
N LYS A 124 28.93 24.68 -24.78
CA LYS A 124 30.37 24.96 -24.92
C LYS A 124 30.71 25.25 -26.38
N THR A 125 30.05 24.56 -27.29
CA THR A 125 30.29 24.73 -28.72
C THR A 125 29.83 26.11 -29.21
N PHE A 126 28.68 26.58 -28.75
CA PHE A 126 28.18 27.91 -29.16
C PHE A 126 29.02 29.03 -28.57
N LYS A 127 29.41 28.86 -27.30
CA LYS A 127 30.25 29.84 -26.60
C LYS A 127 31.59 29.98 -27.32
N ASP A 128 32.24 28.84 -27.61
CA ASP A 128 33.55 28.85 -28.33
C ASP A 128 33.44 29.43 -29.74
N ALA A 129 32.29 29.23 -30.39
CA ALA A 129 32.05 29.77 -31.74
C ALA A 129 31.52 31.22 -31.73
N GLY A 130 31.37 31.81 -30.54
CA GLY A 130 30.89 33.19 -30.43
C GLY A 130 29.45 33.40 -30.86
N ILE A 131 28.63 32.37 -30.76
CA ILE A 131 27.22 32.45 -31.15
C ILE A 131 26.34 32.61 -29.90
N LYS A 132 25.54 33.67 -29.90
CA LYS A 132 24.60 33.98 -28.84
C LYS A 132 23.20 33.72 -29.36
N GLY A 133 22.24 33.58 -28.44
CA GLY A 133 20.83 33.38 -28.81
C GLY A 133 20.30 31.96 -28.70
N MET A 134 21.18 30.98 -28.48
CA MET A 134 20.75 29.58 -28.33
C MET A 134 20.44 29.37 -26.86
N ALA A 135 19.38 28.63 -26.56
CA ALA A 135 18.99 28.43 -25.17
C ALA A 135 18.36 27.06 -24.96
N PHE A 136 18.29 26.65 -23.70
CA PHE A 136 17.74 25.33 -23.36
C PHE A 136 16.72 25.42 -22.24
N GLU A 137 15.57 24.75 -22.42
CA GLU A 137 14.53 24.70 -21.39
C GLU A 137 14.48 23.27 -20.86
N ALA A 138 14.51 23.16 -19.54
CA ALA A 138 14.45 21.87 -18.86
C ALA A 138 13.03 21.31 -18.88
N THR A 139 12.94 20.01 -19.14
CA THR A 139 11.66 19.30 -19.11
C THR A 139 11.92 18.06 -18.24
N THR A 140 11.10 17.91 -17.20
CA THR A 140 11.28 16.82 -16.27
C THR A 140 10.26 15.74 -16.49
N SER A 141 10.73 14.49 -16.50
CA SER A 141 9.85 13.32 -16.56
C SER A 141 10.17 12.42 -15.36
N ARG A 142 9.24 11.53 -15.05
CA ARG A 142 9.41 10.60 -13.94
C ARG A 142 9.88 9.27 -14.51
N MET A 143 10.97 8.74 -13.99
N MET A 143 10.97 8.73 -14.00
CA MET A 143 11.57 7.48 -14.45
CA MET A 143 11.50 7.45 -14.47
C MET A 143 11.28 6.36 -13.43
C MET A 143 11.14 6.39 -13.44
N TYR A 144 10.91 5.17 -13.92
CA TYR A 144 10.58 4.01 -13.08
C TYR A 144 11.52 2.90 -13.57
N PRO A 145 12.74 2.86 -13.04
CA PRO A 145 13.81 1.99 -13.57
C PRO A 145 13.56 0.50 -13.61
N ASN A 146 12.69 0.01 -12.71
CA ASN A 146 12.40 -1.42 -12.62
C ASN A 146 11.30 -1.90 -13.58
N GLY A 147 10.74 -1.02 -14.40
CA GLY A 147 9.70 -1.43 -15.38
C GLY A 147 8.43 -2.01 -14.71
N THR A 148 8.13 -3.27 -15.00
CA THR A 148 6.97 -3.97 -14.39
C THR A 148 7.39 -4.44 -13.00
N PHE A 149 7.06 -3.62 -12.01
CA PHE A 149 7.53 -3.81 -10.65
C PHE A 149 6.62 -3.00 -9.73
N ALA A 150 5.80 -3.70 -8.94
CA ALA A 150 4.84 -3.07 -8.01
C ALA A 150 4.19 -1.85 -8.63
N SER A 151 3.79 -2.00 -9.88
CA SER A 151 3.32 -0.83 -10.64
C SER A 151 2.09 -0.15 -10.05
N GLU A 152 1.06 -0.93 -9.79
CA GLU A 152 -0.14 -0.36 -9.18
C GLU A 152 0.14 0.26 -7.80
N PHE A 153 1.03 -0.37 -7.03
CA PHE A 153 1.40 0.20 -5.72
C PHE A 153 2.07 1.58 -5.86
N LEU A 154 3.07 1.67 -6.74
CA LEU A 154 3.81 2.92 -6.94
C LEU A 154 2.97 4.02 -7.53
N GLY A 155 2.13 3.67 -8.51
CA GLY A 155 1.35 4.67 -9.20
C GLY A 155 2.23 5.48 -10.13
N ARG A 156 1.67 6.59 -10.62
CA ARG A 156 2.33 7.46 -11.59
C ARG A 156 2.24 8.93 -11.20
N ALA A 157 3.31 9.67 -11.48
CA ALA A 157 3.36 11.13 -11.37
C ALA A 157 3.53 11.55 -12.84
N GLU A 158 2.73 12.52 -13.28
CA GLU A 158 2.71 12.94 -14.68
C GLU A 158 2.95 14.44 -14.77
N PRO A 159 3.47 14.92 -15.90
CA PRO A 159 3.68 16.35 -16.06
C PRO A 159 2.36 17.07 -16.32
N ILE A 160 2.04 18.06 -15.49
CA ILE A 160 0.80 18.81 -15.60
C ILE A 160 1.12 20.28 -15.87
N GLU A 161 0.43 20.87 -16.86
CA GLU A 161 0.66 22.27 -17.23
C GLU A 161 -0.15 23.21 -16.33
N ASN A 162 0.54 24.18 -15.73
CA ASN A 162 -0.13 25.21 -14.94
C ASN A 162 -0.66 26.24 -15.96
N LYS A 163 -1.99 26.29 -16.09
CA LYS A 163 -2.65 27.19 -17.06
C LYS A 163 -2.42 28.69 -16.81
N LYS A 164 -2.03 29.05 -15.59
CA LYS A 164 -1.77 30.45 -15.24
C LYS A 164 -0.50 31.02 -15.92
N ASP A 165 0.61 30.26 -15.89
CA ASP A 165 1.90 30.72 -16.44
C ASP A 165 2.61 29.78 -17.45
N GLY A 166 1.96 28.66 -17.81
CA GLY A 166 2.54 27.72 -18.77
C GLY A 166 3.64 26.82 -18.24
N SER A 167 3.87 26.83 -16.92
CA SER A 167 4.90 26.00 -16.32
C SER A 167 4.43 24.57 -16.19
N TYR A 168 5.38 23.65 -16.06
CA TYR A 168 5.07 22.25 -15.86
C TYR A 168 5.63 21.78 -14.54
N SER A 169 4.91 20.86 -13.93
CA SER A 169 5.37 20.22 -12.70
C SER A 169 4.83 18.80 -12.69
N LEU A 170 5.53 17.91 -11.98
CA LEU A 170 5.08 16.55 -11.86
C LEU A 170 4.07 16.48 -10.73
N ILE A 171 2.91 15.86 -11.00
CA ILE A 171 1.86 15.67 -9.99
C ILE A 171 1.44 14.20 -9.94
N GLY A 172 1.48 13.63 -8.74
CA GLY A 172 1.08 12.24 -8.53
C GLY A 172 -0.39 12.06 -8.88
N GLN A 173 -0.68 11.10 -9.76
CA GLN A 173 -2.05 10.84 -10.25
C GLN A 173 -2.67 9.59 -9.66
N THR A 174 -1.84 8.60 -9.33
CA THR A 174 -2.31 7.34 -8.80
C THR A 174 -1.36 6.76 -7.79
N GLY A 175 -1.87 5.78 -7.06
CA GLY A 175 -1.07 5.02 -6.10
C GLY A 175 -0.29 5.80 -5.08
N LEU A 176 0.94 5.35 -4.78
N LEU A 176 0.93 5.33 -4.80
CA LEU A 176 1.78 6.00 -3.79
CA LEU A 176 1.82 5.97 -3.83
C LEU A 176 2.22 7.41 -4.21
C LEU A 176 2.15 7.41 -4.23
N GLU A 177 2.44 7.60 -5.51
CA GLU A 177 2.78 8.93 -6.07
C GLU A 177 1.71 9.95 -5.69
N ARG A 178 0.45 9.57 -5.85
N ARG A 178 0.45 9.57 -5.87
CA ARG A 178 -0.65 10.47 -5.48
CA ARG A 178 -0.66 10.45 -5.49
C ARG A 178 -0.80 10.56 -3.98
C ARG A 178 -0.80 10.56 -3.98
N SER A 179 -0.77 9.41 -3.30
CA SER A 179 -0.96 9.40 -1.84
C SER A 179 0.04 10.26 -1.04
N LEU A 180 1.30 10.20 -1.42
CA LEU A 180 2.37 10.94 -0.71
C LEU A 180 2.79 12.21 -1.46
N ASN A 181 1.89 12.70 -2.30
CA ASN A 181 2.21 13.84 -3.13
C ASN A 181 2.68 15.06 -2.31
N SER A 182 2.12 15.27 -1.13
CA SER A 182 2.51 16.43 -0.32
C SER A 182 3.97 16.33 0.11
N LEU A 183 4.39 15.15 0.54
CA LEU A 183 5.78 14.94 0.92
C LEU A 183 6.74 14.94 -0.27
N LEU A 184 6.33 14.29 -1.36
CA LEU A 184 7.19 14.15 -2.53
C LEU A 184 7.43 15.45 -3.27
N THR A 185 6.46 16.36 -3.21
CA THR A 185 6.49 17.60 -3.91
C THR A 185 7.24 18.63 -3.10
N GLY A 186 8.23 19.25 -3.71
CA GLY A 186 8.99 20.25 -2.98
C GLY A 186 8.24 21.57 -2.95
N THR A 187 8.92 22.61 -2.50
CA THR A 187 8.36 23.93 -2.49
C THR A 187 8.82 24.56 -3.79
N ASP A 188 7.87 24.99 -4.59
CA ASP A 188 8.19 25.59 -5.87
C ASP A 188 9.06 26.84 -5.77
N GLY A 189 9.85 27.03 -6.83
CA GLY A 189 10.70 28.19 -6.99
C GLY A 189 9.98 29.21 -7.85
N GLU A 190 10.70 30.25 -8.25
CA GLU A 190 10.09 31.31 -9.01
C GLU A 190 11.16 31.88 -9.94
N ALA A 191 10.76 32.30 -11.13
CA ALA A 191 11.69 32.90 -12.07
C ALA A 191 11.00 33.94 -12.94
N ILE A 192 11.82 34.83 -13.48
CA ILE A 192 11.36 35.84 -14.40
C ILE A 192 11.86 35.39 -15.78
N TYR A 193 10.93 35.05 -16.65
CA TYR A 193 11.28 34.71 -18.02
C TYR A 193 11.18 35.97 -18.81
N GLU A 194 11.97 36.07 -19.86
CA GLU A 194 11.85 37.19 -20.79
C GLU A 194 10.62 36.89 -21.65
N LYS A 195 9.96 37.95 -22.11
CA LYS A 195 8.78 37.85 -22.96
C LYS A 195 8.95 38.65 -24.23
N ASP A 196 8.27 38.24 -25.30
CA ASP A 196 8.25 39.03 -26.54
C ASP A 196 7.27 40.20 -26.32
N LYS A 197 7.12 41.10 -27.29
CA LYS A 197 6.17 42.22 -27.11
C LYS A 197 4.71 41.75 -26.94
N ASP A 198 4.39 40.55 -27.45
CA ASP A 198 3.03 39.96 -27.34
C ASP A 198 2.74 39.32 -25.97
N GLY A 199 3.70 39.37 -25.04
CA GLY A 199 3.51 38.79 -23.72
C GLY A 199 3.86 37.30 -23.60
N ASN A 200 4.15 36.66 -24.74
CA ASN A 200 4.47 35.22 -24.76
C ASN A 200 5.85 34.95 -24.16
N THR A 201 5.93 33.91 -23.33
CA THR A 201 7.17 33.52 -22.67
C THR A 201 8.26 33.00 -23.61
N LEU A 202 9.47 33.55 -23.50
CA LEU A 202 10.63 33.10 -24.28
C LEU A 202 11.29 32.03 -23.42
N LEU A 203 11.37 30.81 -23.94
CA LEU A 203 11.94 29.70 -23.17
C LEU A 203 13.47 29.68 -23.14
N GLY A 204 14.00 29.19 -22.02
CA GLY A 204 15.44 29.08 -21.80
C GLY A 204 16.16 30.33 -21.34
N THR A 205 15.42 31.44 -21.20
CA THR A 205 15.98 32.74 -20.82
C THR A 205 15.92 33.10 -19.34
N GLU A 206 15.20 32.27 -18.57
CA GLU A 206 14.99 32.46 -17.11
C GLU A 206 16.11 32.98 -16.25
N THR A 207 15.69 33.75 -15.25
CA THR A 207 16.55 34.19 -14.19
C THR A 207 15.78 33.75 -12.96
N ILE A 208 16.32 32.78 -12.23
CA ILE A 208 15.69 32.28 -11.02
C ILE A 208 15.76 33.37 -9.96
N THR A 209 14.64 33.65 -9.32
CA THR A 209 14.57 34.67 -8.28
C THR A 209 14.34 34.05 -6.90
N LYS A 210 13.68 32.90 -6.89
CA LYS A 210 13.44 32.14 -5.67
C LYS A 210 13.77 30.68 -5.99
N GLU A 211 14.75 30.12 -5.28
CA GLU A 211 15.14 28.74 -5.49
C GLU A 211 14.08 27.77 -4.99
N ALA A 212 13.84 26.71 -5.76
CA ALA A 212 12.90 25.68 -5.34
C ALA A 212 13.55 24.85 -4.21
N ILE A 213 12.74 24.22 -3.37
CA ILE A 213 13.24 23.34 -2.29
C ILE A 213 12.81 21.90 -2.64
N ASP A 214 13.77 21.01 -2.77
CA ASP A 214 13.49 19.62 -3.18
C ASP A 214 12.46 18.92 -2.29
N GLY A 215 11.70 18.02 -2.89
CA GLY A 215 10.75 17.23 -2.15
C GLY A 215 11.50 16.23 -1.27
N LYS A 216 10.79 15.63 -0.33
CA LYS A 216 11.40 14.65 0.56
C LYS A 216 11.46 13.30 -0.14
N ASN A 217 12.47 12.53 0.20
CA ASN A 217 12.56 11.18 -0.37
C ASN A 217 11.77 10.19 0.51
N ILE A 218 11.19 9.18 -0.14
CA ILE A 218 10.41 8.16 0.57
C ILE A 218 11.04 6.83 0.35
N TYR A 219 11.46 6.18 1.45
CA TYR A 219 11.95 4.83 1.43
C TYR A 219 10.78 3.94 1.79
N THR A 220 10.32 3.14 0.85
CA THR A 220 9.25 2.22 1.13
C THR A 220 9.80 1.01 1.87
N THR A 221 8.89 0.17 2.35
CA THR A 221 9.25 -1.06 3.06
C THR A 221 9.59 -2.19 2.10
N LEU A 222 9.33 -1.98 0.80
CA LEU A 222 9.57 -3.02 -0.21
C LEU A 222 11.04 -3.43 -0.31
N SER A 223 11.25 -4.71 -0.62
CA SER A 223 12.54 -5.28 -0.90
C SER A 223 12.57 -5.50 -2.40
N ALA A 224 13.35 -4.68 -3.11
CA ALA A 224 13.42 -4.85 -4.57
C ALA A 224 13.75 -6.27 -5.03
N PRO A 225 14.75 -6.94 -4.41
CA PRO A 225 15.05 -8.32 -4.82
C PRO A 225 13.86 -9.26 -4.67
N LEU A 226 13.18 -9.18 -3.52
CA LEU A 226 12.03 -10.05 -3.28
C LEU A 226 10.90 -9.69 -4.23
N GLN A 227 10.66 -8.40 -4.41
CA GLN A 227 9.60 -7.93 -5.30
C GLN A 227 9.84 -8.43 -6.73
N THR A 228 11.07 -8.32 -7.22
CA THR A 228 11.45 -8.77 -8.58
C THR A 228 11.15 -10.25 -8.74
N PHE A 229 11.49 -11.01 -7.71
CA PHE A 229 11.25 -12.43 -7.71
C PHE A 229 9.76 -12.73 -7.68
N LEU A 230 8.98 -11.98 -6.88
CA LEU A 230 7.53 -12.16 -6.83
C LEU A 230 6.86 -11.92 -8.20
N GLU A 231 7.31 -10.89 -8.91
CA GLU A 231 6.74 -10.53 -10.24
C GLU A 231 6.88 -11.71 -11.21
N THR A 232 8.06 -12.30 -11.23
CA THR A 232 8.33 -13.45 -12.09
C THR A 232 7.42 -14.62 -11.74
N GLN A 233 7.31 -14.96 -10.46
CA GLN A 233 6.46 -16.09 -10.06
C GLN A 233 4.99 -15.81 -10.25
N MET A 234 4.57 -14.55 -10.10
CA MET A 234 3.19 -14.18 -10.32
C MET A 234 2.84 -14.32 -11.81
N ASP A 235 3.77 -13.97 -12.70
CA ASP A 235 3.52 -14.15 -14.14
C ASP A 235 3.28 -15.61 -14.44
N THR A 236 4.09 -16.49 -13.86
CA THR A 236 3.91 -17.93 -14.08
C THR A 236 2.55 -18.41 -13.55
N PHE A 237 2.16 -17.88 -12.39
CA PHE A 237 0.91 -18.24 -11.75
C PHE A 237 -0.27 -17.84 -12.64
N MET A 238 -0.19 -16.66 -13.26
CA MET A 238 -1.24 -16.20 -14.17
C MET A 238 -1.29 -17.05 -15.43
N GLU A 239 -0.14 -17.49 -15.93
CA GLU A 239 -0.11 -18.36 -17.11
C GLU A 239 -0.83 -19.67 -16.77
N GLN A 240 -0.60 -20.20 -15.58
CA GLN A 240 -1.24 -21.45 -15.15
C GLN A 240 -2.74 -21.35 -14.89
N THR A 241 -3.17 -20.26 -14.25
CA THR A 241 -4.57 -20.08 -13.86
C THR A 241 -5.46 -19.40 -14.91
N LYS A 242 -4.88 -18.45 -15.64
CA LYS A 242 -5.62 -17.58 -16.58
C LYS A 242 -6.82 -16.92 -15.87
N GLY A 243 -6.58 -16.42 -14.66
CA GLY A 243 -7.61 -15.72 -13.91
C GLY A 243 -7.80 -14.33 -14.46
N ILE A 244 -8.94 -13.72 -14.16
CA ILE A 244 -9.22 -12.36 -14.60
C ILE A 244 -8.41 -11.35 -13.80
N ASN A 245 -8.07 -11.70 -12.55
CA ASN A 245 -7.20 -10.85 -11.73
C ASN A 245 -6.54 -11.68 -10.64
N ALA A 246 -5.52 -11.13 -10.01
CA ALA A 246 -4.84 -11.83 -8.94
C ALA A 246 -4.04 -10.83 -8.12
N SER A 247 -3.67 -11.25 -6.91
CA SER A 247 -2.85 -10.42 -6.05
C SER A 247 -1.98 -11.30 -5.19
N ALA A 248 -0.87 -10.74 -4.73
CA ALA A 248 0.05 -11.41 -3.82
C ALA A 248 0.80 -10.37 -3.02
N THR A 249 0.86 -10.58 -1.70
CA THR A 249 1.57 -9.69 -0.81
C THR A 249 2.33 -10.47 0.25
N VAL A 250 3.55 -10.04 0.51
CA VAL A 250 4.39 -10.62 1.57
C VAL A 250 4.55 -9.55 2.66
N VAL A 251 4.34 -9.96 3.92
CA VAL A 251 4.42 -9.06 5.06
C VAL A 251 5.32 -9.65 6.13
N ASN A 252 6.05 -8.77 6.80
CA ASN A 252 6.88 -9.16 7.94
C ASN A 252 5.90 -9.42 9.08
N ALA A 253 5.88 -10.66 9.55
CA ALA A 253 4.96 -11.11 10.59
C ALA A 253 5.12 -10.45 11.92
N LYS A 254 6.29 -9.90 12.19
CA LYS A 254 6.58 -9.28 13.47
C LYS A 254 6.47 -7.77 13.45
N THR A 255 6.47 -7.15 12.26
CA THR A 255 6.46 -5.69 12.16
C THR A 255 5.32 -5.10 11.35
N GLY A 256 4.65 -5.90 10.54
CA GLY A 256 3.58 -5.39 9.67
C GLY A 256 4.08 -4.72 8.39
N GLU A 257 5.39 -4.68 8.18
CA GLU A 257 5.96 -4.07 6.97
C GLU A 257 5.61 -4.86 5.74
N ILE A 258 5.19 -4.17 4.68
CA ILE A 258 4.89 -4.81 3.40
C ILE A 258 6.20 -4.93 2.60
N LEU A 259 6.68 -6.15 2.44
CA LEU A 259 7.97 -6.43 1.80
C LEU A 259 7.85 -6.62 0.29
N ALA A 260 6.70 -7.05 -0.17
CA ALA A 260 6.47 -7.15 -1.59
C ALA A 260 4.98 -7.18 -1.85
N THR A 261 4.55 -6.56 -2.95
CA THR A 261 3.13 -6.56 -3.25
C THR A 261 2.91 -6.39 -4.74
N THR A 262 2.02 -7.17 -5.30
CA THR A 262 1.74 -7.07 -6.71
C THR A 262 0.33 -7.51 -7.05
N GLN A 263 -0.10 -7.12 -8.24
CA GLN A 263 -1.39 -7.54 -8.74
C GLN A 263 -1.32 -7.76 -10.21
N ARG A 264 -2.28 -8.52 -10.73
CA ARG A 264 -2.38 -8.83 -12.13
C ARG A 264 -3.84 -8.60 -12.52
N PRO A 265 -4.09 -8.11 -13.74
CA PRO A 265 -3.06 -7.73 -14.71
C PRO A 265 -2.33 -6.47 -14.28
N THR A 266 -1.16 -6.24 -14.85
CA THR A 266 -0.33 -5.10 -14.46
C THR A 266 0.15 -4.36 -15.68
N TYR A 267 1.06 -3.42 -15.46
CA TYR A 267 1.67 -2.66 -16.55
C TYR A 267 3.12 -2.30 -16.23
N ASN A 268 3.86 -1.93 -17.26
CA ASN A 268 5.24 -1.44 -17.10
C ASN A 268 5.14 0.01 -16.64
N SER A 269 5.65 0.31 -15.44
CA SER A 269 5.56 1.68 -14.89
C SER A 269 6.29 2.77 -15.67
N ASP A 270 7.36 2.39 -16.36
CA ASP A 270 8.17 3.37 -17.10
C ASP A 270 7.55 3.68 -18.47
N THR A 271 6.96 2.69 -19.12
CA THR A 271 6.39 2.85 -20.48
C THR A 271 4.86 2.83 -20.59
N LEU A 272 4.19 2.43 -19.51
CA LEU A 272 2.71 2.29 -19.44
C LEU A 272 2.18 1.13 -20.27
N GLU A 273 3.06 0.33 -20.85
CA GLU A 273 2.61 -0.79 -21.65
C GLU A 273 1.86 -1.79 -20.78
N GLY A 274 0.66 -2.16 -21.22
CA GLY A 274 -0.23 -3.06 -20.49
C GLY A 274 -1.51 -2.37 -20.02
N GLN A 275 -1.45 -1.05 -19.81
CA GLN A 275 -2.61 -0.30 -19.37
C GLN A 275 -3.73 -0.26 -20.39
N ALA A 276 -3.36 -0.29 -21.67
CA ALA A 276 -4.32 -0.28 -22.77
C ALA A 276 -4.61 -1.70 -23.29
N LYS A 277 -4.31 -2.71 -22.48
CA LYS A 277 -4.53 -4.09 -22.90
C LYS A 277 -5.97 -4.45 -22.54
N LYS A 278 -6.58 -5.31 -23.35
CA LYS A 278 -7.94 -5.79 -23.06
C LYS A 278 -7.91 -6.53 -21.74
N GLY A 279 -8.87 -6.23 -20.87
CA GLY A 279 -8.95 -6.89 -19.57
C GLY A 279 -8.20 -6.16 -18.48
N TYR A 280 -7.43 -5.12 -18.82
CA TYR A 280 -6.73 -4.40 -17.75
C TYR A 280 -7.78 -3.84 -16.77
N ASP A 281 -7.51 -3.97 -15.48
CA ASP A 281 -8.38 -3.56 -14.40
C ASP A 281 -7.66 -2.48 -13.63
N TRP A 282 -8.28 -1.30 -13.55
CA TRP A 282 -7.68 -0.15 -12.87
C TRP A 282 -7.83 -0.15 -11.35
N VAL A 283 -8.58 -1.10 -10.80
CA VAL A 283 -8.85 -1.13 -9.36
C VAL A 283 -7.64 -1.64 -8.60
N ASN A 284 -7.24 -0.93 -7.53
CA ASN A 284 -6.10 -1.35 -6.72
C ASN A 284 -6.52 -2.51 -5.83
N ARG A 285 -5.87 -3.65 -6.01
CA ARG A 285 -6.25 -4.84 -5.24
C ARG A 285 -5.78 -4.87 -3.81
N LEU A 286 -4.84 -4.00 -3.43
CA LEU A 286 -4.39 -3.98 -2.05
C LEU A 286 -5.38 -3.26 -1.14
N TYR A 287 -5.91 -2.12 -1.58
CA TYR A 287 -6.77 -1.33 -0.69
C TYR A 287 -8.07 -0.74 -1.24
N GLU A 288 -8.35 -0.93 -2.53
N GLU A 288 -8.36 -0.94 -2.52
CA GLU A 288 -9.59 -0.39 -3.11
CA GLU A 288 -9.56 -0.37 -3.13
C GLU A 288 -10.64 -1.47 -3.32
C GLU A 288 -10.64 -1.44 -3.37
N ALA A 289 -10.23 -2.57 -3.94
CA ALA A 289 -11.16 -3.66 -4.23
C ALA A 289 -11.82 -4.23 -2.95
N GLN A 290 -13.14 -4.38 -2.98
CA GLN A 290 -13.89 -4.99 -1.87
C GLN A 290 -14.37 -6.34 -2.35
N TYR A 291 -14.23 -7.38 -1.54
CA TYR A 291 -14.64 -8.71 -1.98
C TYR A 291 -15.00 -9.59 -0.79
N GLU A 292 -15.72 -10.66 -1.05
CA GLU A 292 -16.03 -11.63 -0.01
C GLU A 292 -14.80 -12.52 0.01
N PRO A 293 -14.10 -12.58 1.16
CA PRO A 293 -12.82 -13.31 1.19
C PRO A 293 -12.88 -14.81 1.20
N GLY A 294 -14.03 -15.39 1.59
CA GLY A 294 -14.12 -16.84 1.63
C GLY A 294 -13.37 -17.42 2.83
N SER A 295 -12.99 -18.68 2.70
CA SER A 295 -12.47 -19.50 3.79
C SER A 295 -11.22 -19.12 4.58
N THR A 296 -10.45 -18.12 4.14
CA THR A 296 -9.31 -17.66 4.92
C THR A 296 -9.87 -17.00 6.17
N MET A 297 -11.13 -16.57 6.11
CA MET A 297 -11.78 -15.94 7.25
C MET A 297 -11.96 -16.97 8.41
N LYS A 298 -11.94 -18.26 8.09
CA LYS A 298 -12.00 -19.32 9.11
C LYS A 298 -10.82 -19.26 10.08
N VAL A 299 -9.74 -18.58 9.70
CA VAL A 299 -8.58 -18.40 10.58
C VAL A 299 -9.05 -17.54 11.75
N MET A 300 -9.70 -16.42 11.42
CA MET A 300 -10.24 -15.53 12.45
C MET A 300 -11.28 -16.26 13.29
N LEU A 301 -12.17 -17.00 12.62
CA LEU A 301 -13.23 -17.76 13.31
C LEU A 301 -12.68 -18.72 14.32
N LEU A 302 -11.75 -19.57 13.87
CA LEU A 302 -11.11 -20.54 14.73
C LEU A 302 -10.42 -19.89 15.91
N SER A 303 -9.70 -18.77 15.67
CA SER A 303 -9.00 -18.09 16.77
C SER A 303 -9.98 -17.60 17.82
N ALA A 304 -11.15 -17.12 17.36
CA ALA A 304 -12.20 -16.63 18.25
C ALA A 304 -12.80 -17.76 19.07
N ALA A 305 -13.06 -18.89 18.41
CA ALA A 305 -13.61 -20.06 19.09
C ALA A 305 -12.65 -20.53 20.17
N ILE A 306 -11.35 -20.55 19.87
CA ILE A 306 -10.36 -20.99 20.85
C ILE A 306 -10.29 -19.97 22.00
N ASN A 307 -10.26 -18.69 21.65
CA ASN A 307 -10.21 -17.61 22.64
C ASN A 307 -11.48 -17.56 23.53
N ASN A 308 -12.63 -17.90 22.96
CA ASN A 308 -13.92 -17.89 23.67
C ASN A 308 -14.04 -19.07 24.63
N GLY A 309 -13.18 -20.09 24.46
CA GLY A 309 -13.25 -21.30 25.26
C GLY A 309 -14.28 -22.28 24.70
N SER A 310 -14.79 -22.02 23.50
CA SER A 310 -15.83 -22.86 22.89
C SER A 310 -15.32 -23.69 21.69
N PHE A 311 -14.14 -24.28 21.88
CA PHE A 311 -13.56 -25.14 20.86
C PHE A 311 -13.02 -26.42 21.49
N ASN A 312 -13.66 -27.53 21.18
CA ASN A 312 -13.20 -28.83 21.60
C ASN A 312 -12.72 -29.45 20.30
N PRO A 313 -11.38 -29.58 20.11
CA PRO A 313 -10.88 -30.10 18.82
C PRO A 313 -11.38 -31.49 18.44
N ASN A 314 -11.59 -32.32 19.46
CA ASN A 314 -11.97 -33.72 19.31
C ASN A 314 -13.46 -33.98 19.13
N ALA A 315 -14.31 -33.06 19.58
CA ALA A 315 -15.76 -33.24 19.43
C ALA A 315 -16.06 -33.44 17.94
N THR A 316 -17.04 -34.27 17.63
CA THR A 316 -17.35 -34.55 16.26
C THR A 316 -18.71 -34.05 15.83
N TYR A 317 -18.92 -34.04 14.51
CA TYR A 317 -20.18 -33.60 13.92
C TYR A 317 -20.30 -34.23 12.55
N SER A 318 -21.48 -34.13 11.96
CA SER A 318 -21.71 -34.65 10.62
C SER A 318 -22.07 -33.50 9.66
N ASN A 319 -21.50 -33.54 8.46
CA ASN A 319 -21.81 -32.53 7.44
C ASN A 319 -22.80 -33.09 6.42
N ALA A 320 -23.38 -34.26 6.72
CA ALA A 320 -24.25 -34.97 5.78
C ALA A 320 -25.53 -34.24 5.39
N ASN A 321 -26.11 -33.49 6.32
CA ASN A 321 -27.36 -32.76 6.06
C ASN A 321 -27.15 -31.27 5.99
N GLY A 322 -25.89 -30.84 6.06
CA GLY A 322 -25.60 -29.42 6.08
C GLY A 322 -26.13 -28.82 7.36
N ILE A 323 -26.36 -27.51 7.33
CA ILE A 323 -26.88 -26.81 8.48
C ILE A 323 -27.72 -25.66 7.97
N LYS A 324 -28.84 -25.41 8.65
CA LYS A 324 -29.77 -24.39 8.21
C LYS A 324 -29.75 -23.19 9.15
N VAL A 325 -29.62 -21.99 8.59
CA VAL A 325 -29.63 -20.75 9.35
C VAL A 325 -30.67 -19.86 8.71
N GLY A 326 -31.70 -19.50 9.47
CA GLY A 326 -32.80 -18.72 8.95
C GLY A 326 -33.51 -19.57 7.91
N ASP A 327 -33.56 -19.06 6.68
CA ASP A 327 -34.16 -19.76 5.55
C ASP A 327 -33.08 -20.13 4.52
N VAL A 328 -31.83 -20.21 4.96
CA VAL A 328 -30.68 -20.51 4.09
C VAL A 328 -30.02 -21.83 4.46
N GLU A 329 -29.62 -22.61 3.45
CA GLU A 329 -29.00 -23.92 3.60
C GLU A 329 -27.48 -23.82 3.40
N ILE A 330 -26.71 -24.29 4.38
CA ILE A 330 -25.24 -24.26 4.29
C ILE A 330 -24.72 -25.70 4.15
N ASN A 331 -23.85 -25.92 3.17
CA ASN A 331 -23.27 -27.23 2.90
C ASN A 331 -21.78 -27.17 2.64
N ASP A 332 -21.11 -28.30 2.79
CA ASP A 332 -19.67 -28.39 2.53
C ASP A 332 -19.39 -28.53 1.03
N TRP A 333 -18.16 -28.17 0.64
CA TRP A 333 -17.75 -28.22 -0.77
C TRP A 333 -17.90 -29.59 -1.43
N SER A 334 -17.53 -30.64 -0.71
CA SER A 334 -17.61 -31.99 -1.24
C SER A 334 -19.06 -32.46 -1.46
N ILE A 335 -19.98 -31.98 -0.62
CA ILE A 335 -21.41 -32.28 -0.76
C ILE A 335 -21.99 -31.55 -1.97
N ASN A 336 -21.62 -30.28 -2.13
CA ASN A 336 -22.11 -29.49 -3.27
C ASN A 336 -21.53 -29.96 -4.62
N GLU A 337 -20.43 -30.73 -4.56
CA GLU A 337 -19.78 -31.27 -5.77
C GLU A 337 -19.96 -32.79 -5.90
N GLY A 338 -20.77 -33.38 -5.01
CA GLY A 338 -21.04 -34.82 -5.07
C GLY A 338 -19.89 -35.77 -4.80
N ILE A 339 -18.84 -35.29 -4.14
CA ILE A 339 -17.68 -36.13 -3.85
C ILE A 339 -18.02 -37.18 -2.78
N SER A 340 -18.82 -36.79 -1.79
CA SER A 340 -19.23 -37.73 -0.73
C SER A 340 -20.68 -37.48 -0.28
N LYS A 341 -21.25 -38.51 0.32
CA LYS A 341 -22.63 -38.47 0.83
C LYS A 341 -22.67 -37.77 2.19
N GLY A 342 -21.49 -37.57 2.79
CA GLY A 342 -21.34 -36.93 4.10
C GLY A 342 -20.37 -37.73 4.93
N ARG A 343 -19.89 -37.14 6.03
CA ARG A 343 -18.96 -37.83 6.91
C ARG A 343 -18.85 -37.16 8.29
N THR A 344 -18.48 -37.97 9.27
CA THR A 344 -18.31 -37.52 10.65
C THR A 344 -16.86 -37.10 10.81
N MET A 345 -16.65 -35.89 11.36
CA MET A 345 -15.31 -35.34 11.54
C MET A 345 -15.12 -34.64 12.86
N SER A 346 -13.86 -34.60 13.25
CA SER A 346 -13.40 -33.83 14.40
C SER A 346 -13.51 -32.35 13.97
N PHE A 347 -13.60 -31.40 14.89
CA PHE A 347 -13.63 -29.98 14.49
C PHE A 347 -12.30 -29.55 13.90
N ALA A 348 -11.21 -30.15 14.37
CA ALA A 348 -9.87 -29.86 13.86
C ALA A 348 -9.80 -30.32 12.40
N GLN A 349 -10.35 -31.51 12.16
CA GLN A 349 -10.39 -32.10 10.82
C GLN A 349 -11.26 -31.26 9.90
N GLY A 350 -12.42 -30.82 10.37
CA GLY A 350 -13.30 -29.96 9.59
C GLY A 350 -12.62 -28.64 9.23
N PHE A 351 -11.76 -28.16 10.12
CA PHE A 351 -10.98 -26.95 9.84
C PHE A 351 -9.99 -27.26 8.72
N SER A 352 -9.32 -28.41 8.83
CA SER A 352 -8.35 -28.82 7.81
C SER A 352 -9.04 -28.99 6.46
N TYR A 353 -10.26 -29.53 6.51
CA TYR A 353 -11.09 -29.85 5.37
C TYR A 353 -11.83 -28.64 4.81
N SER A 354 -11.76 -27.52 5.52
CA SER A 354 -12.47 -26.30 5.16
C SER A 354 -13.98 -26.57 5.10
N SER A 355 -14.50 -27.20 6.15
CA SER A 355 -15.92 -27.48 6.28
C SER A 355 -16.71 -26.25 6.73
N ASN A 356 -17.55 -25.71 5.84
CA ASN A 356 -18.43 -24.59 6.17
C ASN A 356 -19.40 -24.94 7.31
N VAL A 357 -19.87 -26.19 7.32
CA VAL A 357 -20.79 -26.67 8.35
C VAL A 357 -20.13 -26.66 9.73
N GLY A 358 -18.92 -27.21 9.80
CA GLY A 358 -18.17 -27.26 11.05
C GLY A 358 -17.90 -25.87 11.58
N MET A 359 -17.57 -24.95 10.69
CA MET A 359 -17.28 -23.58 11.12
C MET A 359 -18.56 -22.86 11.53
N THR A 360 -19.64 -23.06 10.78
CA THR A 360 -20.91 -22.48 11.15
C THR A 360 -21.35 -22.98 12.54
N MET A 361 -21.13 -24.27 12.81
CA MET A 361 -21.44 -24.80 14.14
C MET A 361 -20.63 -24.09 15.24
N LEU A 362 -19.35 -23.81 14.97
CA LEU A 362 -18.51 -23.09 15.94
C LEU A 362 -19.04 -21.67 16.18
N GLU A 363 -19.49 -21.03 15.10
CA GLU A 363 -20.10 -19.69 15.17
C GLU A 363 -21.36 -19.69 16.03
N GLN A 364 -22.21 -20.71 15.86
N GLN A 364 -22.23 -20.69 15.85
CA GLN A 364 -23.44 -20.83 16.64
CA GLN A 364 -23.46 -20.80 16.64
C GLN A 364 -23.15 -21.12 18.12
C GLN A 364 -23.17 -21.13 18.12
N ALA A 365 -22.08 -21.86 18.38
CA ALA A 365 -21.67 -22.22 19.75
C ALA A 365 -21.19 -21.02 20.54
N MET A 366 -20.55 -20.06 19.87
CA MET A 366 -20.12 -18.85 20.56
C MET A 366 -21.27 -17.85 20.52
N GLY A 367 -22.08 -17.91 19.45
CA GLY A 367 -23.24 -17.03 19.29
C GLY A 367 -22.94 -15.82 18.43
N ASP A 368 -24.00 -15.28 17.81
CA ASP A 368 -23.90 -14.13 16.92
C ASP A 368 -23.26 -12.89 17.55
N LYS A 369 -23.71 -12.55 18.75
CA LYS A 369 -23.21 -11.37 19.45
C LYS A 369 -21.69 -11.44 19.66
N VAL A 370 -21.22 -12.58 20.16
CA VAL A 370 -19.80 -12.80 20.41
C VAL A 370 -19.00 -12.76 19.09
N TRP A 371 -19.41 -13.56 18.10
CA TRP A 371 -18.72 -13.57 16.81
C TRP A 371 -18.68 -12.16 16.19
N SER A 372 -19.79 -11.46 16.20
CA SER A 372 -19.86 -10.13 15.62
C SER A 372 -18.88 -9.15 16.33
N ASN A 373 -18.70 -9.34 17.63
CA ASN A 373 -17.78 -8.54 18.41
C ASN A 373 -16.32 -8.90 18.05
N TYR A 374 -16.04 -10.17 17.76
CA TYR A 374 -14.69 -10.56 17.32
C TYR A 374 -14.34 -9.91 16.00
N LEU A 375 -15.31 -9.84 15.09
CA LEU A 375 -15.08 -9.20 13.80
C LEU A 375 -14.81 -7.70 14.01
N SER A 376 -15.43 -7.14 15.04
CA SER A 376 -15.22 -5.73 15.36
C SER A 376 -13.80 -5.56 15.97
N LEU A 377 -13.39 -6.48 16.84
CA LEU A 377 -12.03 -6.45 17.41
C LEU A 377 -10.95 -6.62 16.32
N TYR A 378 -11.28 -7.42 15.31
CA TYR A 378 -10.42 -7.62 14.14
C TYR A 378 -10.53 -6.42 13.15
N LYS A 379 -11.44 -5.49 13.46
CA LYS A 379 -11.64 -4.23 12.74
C LYS A 379 -12.22 -4.29 11.32
N PHE A 380 -12.87 -5.39 11.00
CA PHE A 380 -13.56 -5.48 9.72
C PHE A 380 -14.63 -4.40 9.65
N GLY A 381 -14.80 -3.83 8.46
CA GLY A 381 -15.72 -2.72 8.25
C GLY A 381 -15.08 -1.35 8.54
N ILE A 382 -13.84 -1.34 9.02
CA ILE A 382 -13.13 -0.11 9.32
C ILE A 382 -11.87 -0.05 8.46
N PRO A 383 -11.70 1.04 7.70
CA PRO A 383 -10.48 1.11 6.87
C PRO A 383 -9.24 1.14 7.75
N THR A 384 -8.11 0.68 7.20
CA THR A 384 -6.86 0.68 7.94
C THR A 384 -6.30 2.11 8.10
N ARG A 385 -6.59 2.98 7.14
CA ARG A 385 -6.05 4.35 7.10
C ARG A 385 -4.52 4.27 7.16
N PHE A 386 -3.95 3.30 6.42
CA PHE A 386 -2.53 3.04 6.49
C PHE A 386 -1.65 4.01 5.70
N GLY A 387 -2.25 4.92 4.94
CA GLY A 387 -1.51 5.96 4.26
C GLY A 387 -1.91 6.22 2.83
N MET A 388 -2.65 5.30 2.22
CA MET A 388 -3.04 5.49 0.84
C MET A 388 -4.35 6.25 0.73
N VAL A 389 -4.52 7.04 -0.32
N VAL A 389 -4.50 6.98 -0.36
CA VAL A 389 -5.79 7.72 -0.55
CA VAL A 389 -5.71 7.71 -0.70
C VAL A 389 -6.65 6.80 -1.41
C VAL A 389 -6.65 6.76 -1.44
N GLY A 390 -7.96 6.90 -1.25
CA GLY A 390 -8.95 6.05 -1.96
C GLY A 390 -9.13 4.64 -1.40
N GLU A 391 -8.84 4.45 -0.12
CA GLU A 391 -9.01 3.13 0.47
C GLU A 391 -10.50 2.86 0.73
N SER A 392 -10.95 1.63 0.48
CA SER A 392 -12.35 1.23 0.74
C SER A 392 -12.45 0.73 2.18
N SER A 393 -13.68 0.73 2.71
CA SER A 393 -13.93 0.32 4.10
C SER A 393 -14.45 -1.09 4.30
N GLY A 394 -14.88 -1.74 3.23
CA GLY A 394 -15.49 -3.05 3.36
C GLY A 394 -16.93 -2.85 3.81
N ILE A 395 -17.64 -3.96 3.98
CA ILE A 395 -19.07 -3.92 4.38
C ILE A 395 -19.33 -5.07 5.34
N VAL A 396 -19.80 -4.75 6.54
CA VAL A 396 -20.12 -5.75 7.54
C VAL A 396 -21.61 -5.66 7.84
N SER A 397 -22.30 -6.78 7.74
CA SER A 397 -23.74 -6.82 7.94
C SER A 397 -24.10 -7.24 9.33
N GLN A 398 -25.21 -6.73 9.83
CA GLN A 398 -25.69 -7.15 11.15
C GLN A 398 -26.91 -8.08 11.01
N ASN A 399 -27.17 -8.59 9.79
CA ASN A 399 -28.24 -9.55 9.56
C ASN A 399 -27.78 -10.94 10.05
N SER A 400 -28.65 -11.65 10.77
CA SER A 400 -28.28 -12.94 11.38
C SER A 400 -27.73 -13.95 10.38
N VAL A 401 -28.30 -14.00 9.18
CA VAL A 401 -27.83 -14.89 8.13
C VAL A 401 -26.41 -14.55 7.70
N ASN A 402 -26.12 -13.25 7.45
CA ASN A 402 -24.78 -12.82 7.08
C ASN A 402 -23.77 -13.10 8.19
N ILE A 403 -24.15 -12.91 9.46
CA ILE A 403 -23.24 -13.16 10.58
C ILE A 403 -22.79 -14.63 10.59
N ALA A 404 -23.72 -15.56 10.33
CA ALA A 404 -23.37 -16.98 10.25
C ALA A 404 -22.47 -17.25 9.04
N GLN A 405 -22.84 -16.72 7.89
CA GLN A 405 -22.06 -16.90 6.66
C GLN A 405 -20.66 -16.33 6.78
N SER A 406 -20.53 -15.23 7.51
CA SER A 406 -19.22 -14.58 7.69
C SER A 406 -18.19 -15.52 8.34
N SER A 407 -18.69 -16.57 9.03
CA SER A 407 -17.80 -17.55 9.66
C SER A 407 -16.95 -18.30 8.63
N PHE A 408 -17.40 -18.35 7.38
CA PHE A 408 -16.62 -18.90 6.27
C PHE A 408 -16.36 -17.83 5.20
N GLY A 409 -16.45 -16.57 5.62
CA GLY A 409 -16.12 -15.45 4.74
C GLY A 409 -17.06 -15.10 3.61
N GLN A 410 -18.35 -15.33 3.79
CA GLN A 410 -19.35 -14.92 2.82
C GLN A 410 -20.30 -13.98 3.55
N GLY A 411 -20.97 -13.10 2.81
CA GLY A 411 -21.89 -12.14 3.43
C GLY A 411 -21.16 -11.03 4.18
N ILE A 412 -19.87 -10.88 3.89
CA ILE A 412 -19.01 -9.87 4.47
C ILE A 412 -18.01 -9.44 3.40
N SER A 413 -17.76 -8.14 3.28
CA SER A 413 -16.83 -7.62 2.29
C SER A 413 -15.64 -7.00 2.95
N VAL A 414 -14.46 -7.33 2.44
CA VAL A 414 -13.18 -6.83 2.96
C VAL A 414 -12.27 -6.32 1.85
N THR A 415 -11.18 -5.66 2.24
CA THR A 415 -10.13 -5.30 1.32
C THR A 415 -8.96 -6.21 1.70
N GLN A 416 -8.01 -6.35 0.78
CA GLN A 416 -6.85 -7.18 1.02
C GLN A 416 -6.09 -6.69 2.24
N VAL A 417 -5.95 -5.37 2.36
CA VAL A 417 -5.19 -4.82 3.48
C VAL A 417 -5.90 -5.07 4.84
N GLN A 418 -7.23 -5.16 4.85
CA GLN A 418 -7.95 -5.54 6.10
C GLN A 418 -7.63 -6.99 6.48
N MET A 419 -7.54 -7.87 5.48
CA MET A 419 -7.16 -9.23 5.75
C MET A 419 -5.74 -9.31 6.29
N LEU A 420 -4.81 -8.56 5.68
CA LEU A 420 -3.42 -8.56 6.13
C LEU A 420 -3.31 -8.10 7.59
N ARG A 421 -4.04 -7.04 7.91
CA ARG A 421 -4.07 -6.49 9.26
C ARG A 421 -4.54 -7.58 10.26
N ALA A 422 -5.61 -8.28 9.91
CA ALA A 422 -6.17 -9.33 10.78
C ALA A 422 -5.17 -10.47 10.94
N PHE A 423 -4.51 -10.84 9.83
CA PHE A 423 -3.52 -11.92 9.87
C PHE A 423 -2.35 -11.59 10.81
N THR A 424 -2.00 -10.31 10.96
CA THR A 424 -0.88 -9.99 11.84
C THR A 424 -1.14 -10.42 13.29
N ALA A 425 -2.40 -10.42 13.76
CA ALA A 425 -2.69 -10.81 15.14
C ALA A 425 -2.45 -12.31 15.30
N ILE A 426 -2.71 -13.08 14.25
CA ILE A 426 -2.47 -14.50 14.28
C ILE A 426 -0.97 -14.79 14.31
N SER A 427 -0.20 -14.06 13.50
CA SER A 427 1.25 -14.22 13.37
C SER A 427 2.08 -13.58 14.48
N ASN A 428 1.49 -12.64 15.21
CA ASN A 428 2.21 -11.88 16.25
C ASN A 428 1.57 -12.02 17.66
N ASN A 429 1.42 -13.27 18.12
CA ASN A 429 0.96 -13.57 19.48
C ASN A 429 -0.35 -12.89 19.92
N GLY A 430 -1.27 -12.74 18.98
CA GLY A 430 -2.56 -12.11 19.24
C GLY A 430 -2.60 -10.61 19.11
N ILE A 431 -1.43 -9.98 18.92
CA ILE A 431 -1.28 -8.51 18.88
C ILE A 431 -1.33 -8.00 17.45
N MET A 432 -2.40 -7.28 17.13
CA MET A 432 -2.62 -6.80 15.79
C MET A 432 -1.76 -5.57 15.50
N LEU A 433 -1.22 -5.53 14.29
CA LEU A 433 -0.34 -4.49 13.81
C LEU A 433 -0.93 -3.78 12.61
N GLU A 434 -0.60 -2.51 12.47
CA GLU A 434 -1.02 -1.73 11.31
C GLU A 434 -0.06 -2.08 10.15
N PRO A 435 -0.60 -2.49 8.98
CA PRO A 435 0.27 -2.71 7.85
C PRO A 435 0.95 -1.39 7.48
N GLN A 436 2.23 -1.46 7.10
CA GLN A 436 3.05 -0.29 6.76
C GLN A 436 3.75 -0.49 5.44
N PHE A 437 3.86 0.60 4.68
CA PHE A 437 4.57 0.62 3.42
C PHE A 437 5.63 1.73 3.37
N ILE A 438 5.71 2.57 4.41
CA ILE A 438 6.76 3.62 4.50
C ILE A 438 7.75 3.27 5.59
N LYS A 439 9.02 3.21 5.21
CA LYS A 439 10.10 2.89 6.15
C LYS A 439 10.72 4.17 6.69
N GLN A 440 10.93 5.13 5.81
CA GLN A 440 11.57 6.38 6.19
C GLN A 440 11.22 7.49 5.24
N VAL A 441 11.07 8.69 5.79
CA VAL A 441 10.83 9.92 5.03
C VAL A 441 12.08 10.75 5.31
N ALA A 442 12.79 11.15 4.26
CA ALA A 442 14.07 11.85 4.42
C ALA A 442 14.11 13.21 3.77
N ASP A 443 14.63 14.18 4.52
CA ASP A 443 14.85 15.51 4.00
C ASP A 443 16.35 15.57 3.76
N THR A 444 16.75 15.37 2.51
CA THR A 444 18.18 15.37 2.13
C THR A 444 18.80 16.75 2.12
N ASN A 445 17.99 17.79 2.05
CA ASN A 445 18.49 19.15 2.08
C ASN A 445 18.99 19.43 3.50
N LYS A 446 18.17 19.04 4.50
CA LYS A 446 18.49 19.29 5.91
C LYS A 446 19.28 18.21 6.60
N GLY A 447 19.31 17.02 6.02
CA GLY A 447 20.00 15.92 6.63
C GLY A 447 19.23 15.36 7.81
N THR A 448 17.91 15.37 7.72
CA THR A 448 17.08 14.80 8.78
C THR A 448 16.16 13.71 8.22
N VAL A 449 15.72 12.83 9.11
CA VAL A 449 14.84 11.74 8.74
C VAL A 449 13.81 11.47 9.82
N ARG A 450 12.77 10.76 9.42
CA ARG A 450 11.74 10.19 10.31
C ARG A 450 11.66 8.75 9.87
N THR A 451 11.96 7.85 10.81
CA THR A 451 12.03 6.41 10.54
C THR A 451 10.94 5.63 11.29
N ALA A 452 10.28 4.72 10.58
CA ALA A 452 9.15 3.95 11.13
C ALA A 452 9.53 2.80 12.04
N LYS A 453 8.60 2.51 12.96
CA LYS A 453 8.66 1.35 13.84
C LYS A 453 7.23 0.79 13.84
N LYS A 454 7.07 -0.45 14.28
CA LYS A 454 5.76 -1.10 14.26
C LYS A 454 4.70 -0.36 15.08
N GLU A 455 3.46 -0.47 14.64
CA GLU A 455 2.32 0.17 15.28
C GLU A 455 1.33 -0.88 15.77
N VAL A 456 1.24 -1.03 17.09
CA VAL A 456 0.30 -1.98 17.72
C VAL A 456 -1.06 -1.30 17.77
N ILE A 457 -2.09 -1.97 17.28
CA ILE A 457 -3.41 -1.34 17.18
C ILE A 457 -4.56 -2.10 17.85
N GLY A 458 -4.24 -3.24 18.48
CA GLY A 458 -5.24 -4.03 19.18
C GLY A 458 -4.78 -5.42 19.53
N LYS A 459 -5.68 -6.16 20.19
CA LYS A 459 -5.40 -7.52 20.60
C LYS A 459 -6.69 -8.31 20.57
N PRO A 460 -7.07 -8.83 19.40
CA PRO A 460 -8.32 -9.55 19.28
C PRO A 460 -8.38 -10.89 20.03
N VAL A 461 -7.25 -11.60 20.13
CA VAL A 461 -7.21 -12.91 20.79
C VAL A 461 -5.94 -13.05 21.62
N SER A 462 -5.92 -14.05 22.50
CA SER A 462 -4.77 -14.30 23.35
C SER A 462 -3.61 -14.90 22.55
N LYS A 463 -2.45 -14.88 23.17
CA LYS A 463 -1.25 -15.48 22.60
C LYS A 463 -1.47 -16.99 22.39
N GLN A 464 -2.09 -17.62 23.39
CA GLN A 464 -2.35 -19.06 23.31
C GLN A 464 -3.32 -19.39 22.17
N ALA A 465 -4.39 -18.59 22.02
CA ALA A 465 -5.35 -18.81 20.92
C ALA A 465 -4.70 -18.67 19.54
N ALA A 466 -3.85 -17.65 19.40
CA ALA A 466 -3.13 -17.45 18.15
C ALA A 466 -2.20 -18.63 17.84
N SER A 467 -1.46 -19.06 18.86
CA SER A 467 -0.52 -20.16 18.71
C SER A 467 -1.22 -21.47 18.34
N GLU A 468 -2.33 -21.76 19.02
CA GLU A 468 -3.10 -22.97 18.72
C GLU A 468 -3.71 -22.91 17.32
N THR A 469 -4.18 -21.73 16.93
CA THR A 469 -4.74 -21.54 15.59
C THR A 469 -3.65 -21.87 14.54
N ARG A 470 -2.43 -21.36 14.76
CA ARG A 470 -1.33 -21.61 13.83
C ARG A 470 -0.99 -23.10 13.74
N ASN A 471 -1.02 -23.78 14.88
CA ASN A 471 -0.75 -25.22 14.89
C ASN A 471 -1.85 -25.99 14.14
N TYR A 472 -3.12 -25.66 14.36
CA TYR A 472 -4.21 -26.33 13.62
C TYR A 472 -4.05 -26.09 12.12
N MET A 473 -3.57 -24.92 11.75
CA MET A 473 -3.33 -24.57 10.33
C MET A 473 -2.21 -25.38 9.65
N ILE A 474 -1.33 -26.02 10.42
CA ILE A 474 -0.30 -26.89 9.82
C ILE A 474 -1.00 -28.07 9.13
N SER A 475 -2.02 -28.62 9.80
CA SER A 475 -2.75 -29.78 9.29
C SER A 475 -3.49 -29.53 7.98
N VAL A 476 -3.87 -28.28 7.73
CA VAL A 476 -4.48 -27.96 6.46
C VAL A 476 -3.55 -28.44 5.33
N GLY A 477 -2.25 -28.29 5.56
CA GLY A 477 -1.23 -28.70 4.61
C GLY A 477 -0.73 -30.13 4.75
N THR A 478 -0.69 -30.66 5.98
CA THR A 478 -0.10 -31.98 6.26
C THR A 478 -1.02 -33.20 6.38
N ASP A 479 -2.31 -33.00 6.63
CA ASP A 479 -3.25 -34.10 6.84
C ASP A 479 -3.61 -34.79 5.50
N PRO A 480 -3.08 -36.02 5.27
CA PRO A 480 -3.33 -36.67 3.98
C PRO A 480 -4.79 -37.01 3.70
N GLU A 481 -5.61 -37.07 4.73
CA GLU A 481 -7.00 -37.42 4.53
C GLU A 481 -7.89 -36.18 4.41
N PHE A 482 -7.68 -35.22 5.31
CA PHE A 482 -8.54 -34.04 5.40
C PHE A 482 -8.00 -32.72 4.91
N GLY A 483 -6.68 -32.56 4.87
CA GLY A 483 -6.07 -31.27 4.49
C GLY A 483 -6.33 -30.86 3.05
N THR A 484 -6.94 -29.69 2.87
CA THR A 484 -7.25 -29.17 1.54
C THR A 484 -5.99 -28.73 0.79
N LEU A 485 -4.89 -28.55 1.52
CA LEU A 485 -3.64 -28.14 0.91
C LEU A 485 -2.55 -29.21 0.97
N TYR A 486 -2.97 -30.48 1.05
CA TYR A 486 -2.05 -31.63 0.99
C TYR A 486 -2.08 -32.13 -0.46
N ASN A 487 -0.92 -32.43 -1.02
CA ASN A 487 -0.86 -32.90 -2.41
C ASN A 487 -0.85 -34.43 -2.41
N LYS A 488 -2.01 -35.01 -2.58
CA LYS A 488 -2.13 -36.48 -2.54
C LYS A 488 -1.31 -37.19 -3.61
N SER A 489 -1.15 -36.56 -4.77
CA SER A 489 -0.34 -37.11 -5.86
C SER A 489 1.15 -37.19 -5.54
N GLU A 490 1.65 -36.33 -4.67
CA GLU A 490 3.07 -36.34 -4.29
C GLU A 490 3.32 -36.84 -2.86
N GLY A 491 2.25 -37.06 -2.11
CA GLY A 491 2.38 -37.51 -0.73
C GLY A 491 3.04 -36.47 0.16
N SER A 492 2.71 -35.20 -0.06
CA SER A 492 3.32 -34.12 0.73
C SER A 492 2.49 -32.84 0.65
N PRO A 493 2.77 -31.87 1.55
CA PRO A 493 2.02 -30.61 1.46
C PRO A 493 2.28 -29.84 0.16
N ILE A 494 1.27 -29.14 -0.31
CA ILE A 494 1.41 -28.29 -1.49
C ILE A 494 2.41 -27.18 -1.18
N ILE A 495 2.21 -26.52 -0.04
CA ILE A 495 3.08 -25.42 0.35
C ILE A 495 4.22 -25.89 1.24
N GLN A 496 5.44 -25.73 0.73
CA GLN A 496 6.64 -26.12 1.42
C GLN A 496 7.65 -24.98 1.38
N VAL A 497 8.37 -24.78 2.48
CA VAL A 497 9.42 -23.75 2.59
C VAL A 497 10.58 -24.44 3.30
N GLY A 498 11.56 -24.91 2.51
CA GLY A 498 12.68 -25.69 3.07
C GLY A 498 12.08 -26.87 3.84
N ASN A 499 12.55 -27.06 5.07
N ASN A 499 12.57 -27.08 5.07
CA ASN A 499 12.05 -28.13 5.95
CA ASN A 499 12.04 -28.15 5.95
C ASN A 499 11.19 -27.58 7.10
C ASN A 499 11.23 -27.57 7.11
N ASN A 500 10.70 -26.35 6.95
CA ASN A 500 9.88 -25.71 7.99
C ASN A 500 8.45 -26.20 7.98
N ASP A 501 7.82 -26.14 9.16
CA ASP A 501 6.40 -26.36 9.29
C ASP A 501 5.79 -25.06 8.79
N VAL A 502 4.73 -25.16 8.00
CA VAL A 502 4.10 -23.99 7.42
C VAL A 502 2.63 -23.96 7.83
N THR A 503 2.23 -22.81 8.35
CA THR A 503 0.87 -22.54 8.79
C THR A 503 0.10 -22.02 7.58
N VAL A 504 -0.89 -22.78 7.12
CA VAL A 504 -1.62 -22.37 5.93
C VAL A 504 -3.13 -22.53 6.06
N LYS A 505 -3.85 -21.74 5.25
CA LYS A 505 -5.31 -21.89 5.12
C LYS A 505 -5.69 -21.42 3.74
N SER A 506 -6.43 -22.26 3.04
CA SER A 506 -6.88 -21.97 1.71
C SER A 506 -8.24 -21.40 1.80
N GLY A 507 -8.66 -20.82 0.70
CA GLY A 507 -9.98 -20.32 0.59
C GLY A 507 -10.55 -20.36 -0.81
N THR A 508 -11.86 -20.50 -0.85
N THR A 508 -11.86 -20.50 -0.85
CA THR A 508 -12.63 -20.43 -2.06
CA THR A 508 -12.62 -20.42 -2.06
C THR A 508 -13.72 -19.49 -1.61
C THR A 508 -13.75 -19.51 -1.61
N ALA A 509 -14.21 -18.65 -2.51
CA ALA A 509 -15.27 -17.75 -2.19
C ALA A 509 -16.16 -17.66 -3.40
N GLN A 510 -17.45 -17.62 -3.11
CA GLN A 510 -18.45 -17.47 -4.12
C GLN A 510 -18.36 -16.00 -4.56
N VAL A 511 -18.52 -15.74 -5.85
CA VAL A 511 -18.44 -14.37 -6.36
C VAL A 511 -19.82 -13.88 -6.79
N PRO A 512 -20.20 -12.64 -6.39
CA PRO A 512 -21.48 -12.08 -6.80
C PRO A 512 -21.52 -11.70 -8.27
N ASP A 513 -22.70 -11.83 -8.87
CA ASP A 513 -22.92 -11.50 -10.27
C ASP A 513 -23.68 -10.18 -10.29
N GLU A 514 -23.29 -9.27 -11.18
CA GLU A 514 -23.94 -7.95 -11.25
C GLU A 514 -25.36 -8.03 -11.84
N LYS A 515 -25.52 -8.89 -12.84
CA LYS A 515 -26.81 -9.07 -13.49
C LYS A 515 -27.85 -9.60 -12.50
N THR A 516 -27.61 -10.80 -11.96
CA THR A 516 -28.55 -11.44 -11.04
C THR A 516 -28.42 -10.99 -9.58
N GLY A 517 -27.31 -10.36 -9.21
CA GLY A 517 -27.10 -9.94 -7.81
C GLY A 517 -26.54 -11.10 -6.99
N THR A 518 -27.13 -12.28 -7.17
CA THR A 518 -26.71 -13.51 -6.47
C THR A 518 -25.37 -14.04 -7.02
N TYR A 519 -24.84 -15.06 -6.35
CA TYR A 519 -23.56 -15.64 -6.71
C TYR A 519 -23.53 -16.34 -8.09
N LYS A 520 -22.40 -16.24 -8.78
CA LYS A 520 -22.20 -16.91 -10.07
C LYS A 520 -22.11 -18.41 -9.83
N VAL A 521 -22.56 -19.19 -10.80
CA VAL A 521 -22.60 -20.65 -10.69
C VAL A 521 -21.58 -21.42 -11.55
N GLY A 522 -20.92 -20.75 -12.49
CA GLY A 522 -19.96 -21.41 -13.38
C GLY A 522 -18.83 -22.14 -12.66
N THR A 523 -18.24 -23.10 -13.36
CA THR A 523 -17.13 -23.89 -12.82
C THR A 523 -15.91 -22.99 -12.66
N ASN A 524 -15.29 -23.04 -11.48
CA ASN A 524 -14.14 -22.20 -11.12
C ASN A 524 -14.46 -20.68 -11.15
N GLU A 525 -15.75 -20.33 -11.10
CA GLU A 525 -16.13 -18.92 -11.11
C GLU A 525 -16.17 -18.51 -9.62
N THR A 526 -14.98 -18.52 -9.05
CA THR A 526 -14.75 -18.27 -7.63
C THR A 526 -13.51 -17.46 -7.41
N LEU A 527 -13.37 -16.99 -6.18
N LEU A 527 -13.34 -17.00 -6.17
CA LEU A 527 -12.20 -16.29 -5.74
CA LEU A 527 -12.16 -16.22 -5.77
C LEU A 527 -11.44 -17.32 -4.93
C LEU A 527 -11.34 -17.13 -4.85
N ASN A 528 -10.24 -17.66 -5.39
CA ASN A 528 -9.38 -18.63 -4.70
C ASN A 528 -8.25 -17.93 -3.99
N SER A 529 -7.92 -18.35 -2.78
CA SER A 529 -6.89 -17.68 -2.02
C SER A 529 -6.18 -18.56 -1.03
N VAL A 530 -5.06 -18.07 -0.51
CA VAL A 530 -4.32 -18.78 0.50
C VAL A 530 -3.54 -17.80 1.37
N VAL A 531 -3.46 -18.12 2.66
CA VAL A 531 -2.60 -17.38 3.57
C VAL A 531 -1.59 -18.40 4.08
N ALA A 532 -0.33 -17.99 4.19
CA ALA A 532 0.75 -18.85 4.66
C ALA A 532 1.66 -18.05 5.59
N MET A 533 2.11 -18.72 6.66
CA MET A 533 2.98 -18.15 7.67
C MET A 533 4.10 -19.13 7.95
N VAL A 534 5.32 -18.63 7.95
CA VAL A 534 6.46 -19.47 8.14
C VAL A 534 7.52 -18.72 8.96
N PRO A 535 8.20 -19.40 9.89
CA PRO A 535 7.92 -20.78 10.32
C PRO A 535 6.64 -20.74 11.14
N SER A 536 6.00 -21.88 11.33
CA SER A 536 4.69 -21.91 11.98
C SER A 536 4.64 -21.45 13.44
N GLU A 537 5.56 -21.93 14.23
CA GLU A 537 5.56 -21.67 15.65
C GLU A 537 5.97 -20.24 16.04
N ASP A 538 6.87 -19.65 15.30
CA ASP A 538 7.37 -18.27 15.55
C ASP A 538 7.47 -17.59 14.16
N PRO A 539 6.34 -17.15 13.61
CA PRO A 539 6.35 -16.64 12.23
C PRO A 539 7.29 -15.43 11.94
N GLU A 540 7.90 -15.47 10.77
CA GLU A 540 8.76 -14.40 10.30
C GLU A 540 8.06 -13.66 9.16
N TYR A 541 7.39 -14.41 8.30
CA TYR A 541 6.71 -13.88 7.13
C TYR A 541 5.28 -14.42 6.97
N ILE A 542 4.43 -13.55 6.43
CA ILE A 542 3.06 -13.87 6.07
C ILE A 542 2.96 -13.60 4.56
N MET A 543 2.30 -14.50 3.85
CA MET A 543 2.04 -14.29 2.44
C MET A 543 0.57 -14.55 2.17
N TYR A 544 -0.04 -13.69 1.36
CA TYR A 544 -1.47 -13.81 1.00
C TYR A 544 -1.59 -13.70 -0.49
N VAL A 545 -2.25 -14.69 -1.10
CA VAL A 545 -2.41 -14.75 -2.55
C VAL A 545 -3.86 -14.96 -2.90
N THR A 546 -4.34 -14.27 -3.94
CA THR A 546 -5.70 -14.41 -4.43
C THR A 546 -5.69 -14.45 -5.97
N VAL A 547 -6.68 -15.15 -6.53
CA VAL A 547 -6.90 -15.22 -7.97
C VAL A 547 -8.41 -15.34 -8.15
N GLN A 548 -8.97 -14.47 -8.99
CA GLN A 548 -10.39 -14.47 -9.26
C GLN A 548 -10.69 -15.12 -10.60
N GLU A 549 -11.67 -16.03 -10.57
CA GLU A 549 -12.17 -16.74 -11.74
C GLU A 549 -11.09 -17.35 -12.64
N PRO A 550 -10.28 -18.24 -12.07
CA PRO A 550 -9.28 -18.94 -12.86
C PRO A 550 -9.96 -19.87 -13.88
N LYS A 551 -9.55 -19.79 -15.15
CA LYS A 551 -10.07 -20.69 -16.18
C LYS A 551 -9.72 -22.13 -15.84
N THR A 552 -8.50 -22.32 -15.37
CA THR A 552 -7.96 -23.63 -14.99
C THR A 552 -7.56 -23.52 -13.53
N TRP A 553 -7.99 -24.47 -12.70
CA TRP A 553 -7.65 -24.40 -11.27
C TRP A 553 -7.33 -25.74 -10.60
N ASN A 554 -6.37 -25.68 -9.69
CA ASN A 554 -5.95 -26.79 -8.88
C ASN A 554 -5.20 -26.14 -7.71
N ASN A 555 -5.45 -26.58 -6.49
CA ASN A 555 -4.76 -26.00 -5.33
C ASN A 555 -3.24 -26.06 -5.45
N ASN A 556 -2.73 -27.04 -6.19
CA ASN A 556 -1.31 -27.20 -6.43
C ASN A 556 -0.68 -25.97 -7.07
N PHE A 557 -1.50 -25.16 -7.75
CA PHE A 557 -0.97 -23.95 -8.39
C PHE A 557 -0.41 -22.96 -7.39
N PHE A 558 -0.88 -22.99 -6.15
CA PHE A 558 -0.34 -22.06 -5.15
C PHE A 558 1.15 -22.27 -4.90
N ALA A 559 1.63 -23.49 -5.14
CA ALA A 559 3.05 -23.79 -4.95
C ALA A 559 3.92 -22.98 -5.90
N THR A 560 3.37 -22.62 -7.05
CA THR A 560 4.06 -21.82 -8.03
C THR A 560 4.49 -20.45 -7.49
N VAL A 561 3.65 -19.87 -6.65
CA VAL A 561 3.90 -18.52 -6.16
C VAL A 561 4.32 -18.47 -4.67
N VAL A 562 3.67 -19.25 -3.80
CA VAL A 562 4.01 -19.20 -2.38
C VAL A 562 5.37 -19.81 -2.05
N ASN A 563 5.62 -21.04 -2.50
CA ASN A 563 6.85 -21.76 -2.11
C ASN A 563 8.16 -21.02 -2.43
N PRO A 564 8.38 -20.67 -3.70
CA PRO A 564 9.67 -20.03 -4.00
C PRO A 564 9.82 -18.61 -3.40
N VAL A 565 8.72 -17.88 -3.27
CA VAL A 565 8.78 -16.51 -2.72
C VAL A 565 9.11 -16.55 -1.24
N LEU A 566 8.41 -17.40 -0.48
CA LEU A 566 8.74 -17.54 0.95
C LEU A 566 10.13 -18.11 1.19
N GLU A 567 10.59 -19.02 0.31
CA GLU A 567 11.95 -19.56 0.43
C GLU A 567 12.96 -18.44 0.14
N GLU A 568 12.65 -17.59 -0.84
CA GLU A 568 13.53 -16.47 -1.17
C GLU A 568 13.59 -15.52 0.03
N ALA A 569 12.43 -15.24 0.63
CA ALA A 569 12.37 -14.36 1.79
C ALA A 569 13.21 -14.87 2.94
N MET A 570 13.06 -16.17 3.24
CA MET A 570 13.84 -16.80 4.29
C MET A 570 15.35 -16.79 3.98
N SER A 571 15.72 -17.00 2.72
CA SER A 571 17.14 -17.03 2.36
C SER A 571 17.82 -15.64 2.48
N MET A 572 17.04 -14.56 2.45
CA MET A 572 17.60 -13.20 2.48
C MET A 572 18.16 -12.76 3.85
N GLY A 573 17.46 -13.10 4.93
CA GLY A 573 17.96 -12.78 6.27
C GLY A 573 18.05 -11.29 6.56
N ALA A 574 19.25 -10.83 6.92
CA ALA A 574 19.52 -9.43 7.25
C ALA A 574 19.25 -8.43 6.12
N THR A 575 18.97 -8.90 4.90
CA THR A 575 18.66 -7.98 3.83
C THR A 575 17.21 -7.47 3.98
N LEU A 576 16.33 -8.35 4.49
CA LEU A 576 14.93 -7.97 4.71
C LEU A 576 14.69 -7.33 6.09
N ASP A 577 15.52 -7.67 7.08
CA ASP A 577 15.40 -7.07 8.42
C ASP A 577 15.86 -5.62 8.33
N THR A 578 17.05 -5.42 7.80
CA THR A 578 17.66 -4.11 7.68
C THR A 578 17.05 -3.22 6.59
N SER A 579 17.31 -1.93 6.77
CA SER A 579 16.89 -0.89 5.86
C SER A 579 17.79 0.31 6.17
N VAL A 580 17.45 1.47 5.64
CA VAL A 580 18.19 2.70 5.97
C VAL A 580 18.07 3.04 7.47
N SER A 581 17.14 2.38 8.19
CA SER A 581 17.01 2.54 9.66
C SER A 581 18.35 2.27 10.35
N GLU A 582 19.02 1.19 9.96
CA GLU A 582 20.36 0.84 10.46
C GLU A 582 21.39 1.72 9.74
N GLY A 583 21.67 2.88 10.34
CA GLY A 583 22.56 3.88 9.78
C GLY A 583 21.96 5.28 9.96
N SER A 584 20.68 5.33 10.35
CA SER A 584 19.94 6.59 10.57
C SER A 584 19.60 6.87 12.05
N GLY A 585 20.01 5.98 12.97
CA GLY A 585 19.76 6.15 14.40
C GLY A 585 20.48 7.34 15.04
N LYS A 586 21.56 7.78 14.40
CA LYS A 586 22.35 8.94 14.84
C LYS A 586 22.00 10.18 14.01
N THR A 587 21.05 10.02 13.07
CA THR A 587 20.63 11.13 12.22
C THR A 587 19.54 11.90 12.95
N GLU A 588 19.67 13.22 12.94
CA GLU A 588 18.69 14.10 13.55
C GLU A 588 17.30 13.80 12.99
N GLU A 589 16.28 13.88 13.84
CA GLU A 589 14.92 13.60 13.42
C GLU A 589 14.19 14.85 12.92
N THR A 590 13.49 14.73 11.79
CA THR A 590 12.73 15.85 11.22
C THR A 590 11.55 16.16 12.12
N SER A 591 11.31 17.44 12.37
CA SER A 591 10.19 17.84 13.22
C SER A 591 8.87 17.75 12.43
N TYR A 592 7.77 17.51 13.14
CA TYR A 592 6.44 17.46 12.53
C TYR A 592 5.38 17.93 13.54
N GLN A 593 4.39 18.66 13.06
CA GLN A 593 3.27 19.08 13.90
C GLN A 593 1.97 18.96 13.09
N THR A 594 0.87 18.68 13.76
CA THR A 594 -0.39 18.46 13.06
C THR A 594 -0.96 19.67 12.40
N GLY A 595 -0.74 20.84 13.00
CA GLY A 595 -1.43 22.05 12.57
C GLY A 595 -2.86 21.93 13.15
N ASP A 596 -3.71 22.90 12.83
CA ASP A 596 -5.12 22.91 13.31
C ASP A 596 -5.94 21.83 12.66
N ILE A 597 -6.32 20.82 13.43
CA ILE A 597 -7.12 19.70 12.90
C ILE A 597 -8.49 19.51 13.56
N ILE A 598 -8.83 20.37 14.53
CA ILE A 598 -10.15 20.28 15.20
C ILE A 598 -11.18 20.67 14.14
N GLY A 599 -12.26 19.90 14.04
CA GLY A 599 -13.27 20.14 13.01
C GLY A 599 -13.00 19.39 11.71
N LYS A 600 -11.76 18.91 11.48
CA LYS A 600 -11.48 18.13 10.27
C LYS A 600 -12.05 16.71 10.35
N THR A 601 -12.00 15.99 9.25
CA THR A 601 -12.50 14.61 9.18
C THR A 601 -11.44 13.67 9.76
N PRO A 602 -11.81 12.83 10.75
CA PRO A 602 -10.86 11.93 11.40
C PRO A 602 -10.12 11.00 10.45
N GLY A 603 -10.85 10.35 9.57
CA GLY A 603 -10.30 9.40 8.61
C GLY A 603 -9.12 9.91 7.79
N GLU A 604 -9.36 10.97 7.01
CA GLU A 604 -8.29 11.53 6.17
C GLU A 604 -7.14 12.08 7.00
N THR A 605 -7.46 12.63 8.18
CA THR A 605 -6.42 13.15 9.07
C THR A 605 -5.54 12.02 9.59
N ALA A 606 -6.15 10.90 9.99
CA ALA A 606 -5.37 9.75 10.48
C ALA A 606 -4.43 9.23 9.38
N ASN A 607 -4.96 9.17 8.17
N ASN A 607 -4.94 9.13 8.16
CA ASN A 607 -4.21 8.73 6.99
CA ASN A 607 -4.12 8.73 7.01
C ASN A 607 -2.98 9.62 6.75
C ASN A 607 -2.91 9.63 6.88
N THR A 608 -3.17 10.94 6.84
CA THR A 608 -2.10 11.95 6.70
C THR A 608 -1.06 11.79 7.81
N LEU A 609 -1.51 11.60 9.03
CA LEU A 609 -0.60 11.42 10.16
C LEU A 609 0.32 10.20 9.96
N ARG A 610 -0.24 9.09 9.47
CA ARG A 610 0.60 7.89 9.20
C ARG A 610 1.60 8.10 8.08
N GLN A 611 1.27 8.94 7.09
CA GLN A 611 2.24 9.28 6.04
C GLN A 611 3.47 9.97 6.64
N ASN A 612 3.24 10.64 7.78
CA ASN A 612 4.27 11.35 8.50
C ASN A 612 4.80 10.56 9.69
N LEU A 613 4.50 9.26 9.69
CA LEU A 613 4.98 8.31 10.67
C LEU A 613 4.46 8.49 12.11
N VAL A 614 3.35 9.17 12.25
CA VAL A 614 2.68 9.29 13.54
C VAL A 614 1.76 8.07 13.65
N HIS A 615 1.46 7.63 14.88
CA HIS A 615 0.59 6.46 15.11
C HIS A 615 -0.68 6.94 15.81
N PRO A 616 -1.67 7.38 15.01
CA PRO A 616 -2.89 7.89 15.60
C PRO A 616 -3.84 6.79 16.02
N ILE A 617 -4.64 7.09 17.04
CA ILE A 617 -5.71 6.20 17.50
C ILE A 617 -6.99 7.04 17.42
N VAL A 618 -7.91 6.61 16.56
CA VAL A 618 -9.17 7.33 16.34
C VAL A 618 -10.19 6.75 17.31
N LEU A 619 -10.75 7.61 18.17
CA LEU A 619 -11.73 7.18 19.16
C LEU A 619 -13.14 7.48 18.69
N GLY A 620 -13.93 6.43 18.49
CA GLY A 620 -15.32 6.62 18.10
C GLY A 620 -15.55 6.58 16.60
N VAL A 621 -16.78 6.94 16.20
CA VAL A 621 -17.24 6.82 14.82
C VAL A 621 -17.73 8.10 14.16
N GLY A 622 -17.61 9.23 14.85
CA GLY A 622 -18.06 10.51 14.31
C GLY A 622 -17.21 11.00 13.14
N ASN A 623 -17.81 11.84 12.30
CA ASN A 623 -17.11 12.39 11.14
C ASN A 623 -16.34 13.70 11.41
N LYS A 624 -16.20 14.09 12.67
CA LYS A 624 -15.48 15.33 13.00
C LYS A 624 -14.52 15.09 14.15
N ILE A 625 -13.35 15.72 14.06
CA ILE A 625 -12.40 15.70 15.18
C ILE A 625 -12.86 16.72 16.25
N GLU A 626 -13.09 16.24 17.47
CA GLU A 626 -13.49 17.08 18.58
C GLU A 626 -12.31 17.43 19.49
N LYS A 627 -11.45 16.45 19.79
CA LYS A 627 -10.26 16.70 20.61
C LYS A 627 -9.09 15.87 20.13
N VAL A 628 -7.89 16.37 20.42
CA VAL A 628 -6.65 15.66 20.07
C VAL A 628 -5.73 15.72 21.27
N SER A 629 -4.96 14.65 21.52
CA SER A 629 -4.10 14.56 22.71
C SER A 629 -2.82 15.40 22.66
N VAL A 630 -2.54 16.01 21.51
CA VAL A 630 -1.41 16.90 21.31
C VAL A 630 -1.96 18.17 20.64
N ASP A 631 -1.28 19.28 20.88
CA ASP A 631 -1.69 20.57 20.35
C ASP A 631 -1.22 20.79 18.89
N ALA A 632 -1.82 21.79 18.25
CA ALA A 632 -1.56 22.11 16.84
C ALA A 632 -0.10 22.36 16.51
N LYS A 633 0.65 22.96 17.43
CA LYS A 633 2.05 23.30 17.20
C LYS A 633 3.00 22.48 18.07
N GLU A 634 2.51 21.37 18.57
CA GLU A 634 3.29 20.49 19.39
C GLU A 634 4.05 19.54 18.46
N ASN A 635 5.34 19.37 18.69
CA ASN A 635 6.13 18.48 17.86
C ASN A 635 5.75 17.05 18.17
N ILE A 636 5.55 16.25 17.11
CA ILE A 636 5.20 14.86 17.25
C ILE A 636 6.36 14.03 16.66
N LYS A 637 7.00 13.23 17.51
CA LYS A 637 8.13 12.42 17.09
C LYS A 637 7.66 11.30 16.18
N ALA A 638 8.58 10.74 15.41
CA ALA A 638 8.26 9.59 14.60
C ALA A 638 7.76 8.47 15.54
N ASN A 639 6.69 7.83 15.13
CA ASN A 639 6.08 6.71 15.85
C ASN A 639 5.36 7.09 17.13
N GLU A 640 5.22 8.38 17.40
CA GLU A 640 4.52 8.79 18.60
C GLU A 640 3.02 8.46 18.45
N GLN A 641 2.44 7.92 19.51
CA GLN A 641 1.05 7.53 19.54
C GLN A 641 0.22 8.68 20.08
N ILE A 642 -0.81 9.08 19.35
CA ILE A 642 -1.67 10.17 19.78
C ILE A 642 -3.13 9.75 19.68
N LEU A 643 -3.99 10.44 20.43
CA LEU A 643 -5.43 10.17 20.40
C LEU A 643 -6.16 11.25 19.63
N ILE A 644 -7.10 10.83 18.78
CA ILE A 644 -7.98 11.72 18.04
C ILE A 644 -9.38 11.30 18.49
N MET A 645 -10.03 12.14 19.28
CA MET A 645 -11.39 11.84 19.74
C MET A 645 -12.39 12.45 18.78
N THR A 646 -13.24 11.62 18.19
CA THR A 646 -14.23 12.11 17.24
C THR A 646 -15.43 12.63 18.02
N ASN A 647 -16.38 13.22 17.29
CA ASN A 647 -17.58 13.75 17.92
C ASN A 647 -18.64 12.69 18.28
N GLU A 648 -18.38 11.41 17.99
CA GLU A 648 -19.32 10.35 18.38
C GLU A 648 -18.52 9.19 18.96
N PHE A 649 -18.39 9.21 20.28
CA PHE A 649 -17.54 8.25 21.00
C PHE A 649 -18.27 7.81 22.27
N THR A 650 -18.81 6.59 22.25
CA THR A 650 -19.62 6.07 23.35
C THR A 650 -19.23 4.72 23.93
N GLU A 651 -18.35 3.97 23.26
CA GLU A 651 -17.91 2.64 23.71
C GLU A 651 -16.42 2.59 24.06
N LEU A 652 -16.08 1.80 25.07
CA LEU A 652 -14.71 1.63 25.52
C LEU A 652 -13.88 0.97 24.41
N PRO A 653 -12.74 1.56 24.06
CA PRO A 653 -11.88 0.94 23.05
C PRO A 653 -11.10 -0.27 23.56
N ASP A 654 -10.50 -0.99 22.61
CA ASP A 654 -9.52 -2.04 22.90
C ASP A 654 -8.29 -1.15 23.11
N MET A 655 -7.79 -1.12 24.33
CA MET A 655 -6.72 -0.21 24.70
C MET A 655 -5.35 -0.89 24.70
N TYR A 656 -5.28 -2.12 24.17
CA TYR A 656 -4.01 -2.83 24.16
C TYR A 656 -2.95 -2.01 23.42
N GLY A 657 -1.78 -1.87 24.03
CA GLY A 657 -0.68 -1.12 23.42
C GLY A 657 -0.69 0.39 23.63
N TRP A 658 -1.74 0.94 24.24
CA TRP A 658 -1.76 2.38 24.54
C TRP A 658 -0.68 2.78 25.53
N THR A 659 -0.09 3.96 25.33
CA THR A 659 0.82 4.49 26.33
C THR A 659 0.03 4.95 27.56
N LYS A 660 0.70 5.02 28.70
CA LYS A 660 0.05 5.49 29.93
C LYS A 660 -0.46 6.93 29.74
N LYS A 661 0.34 7.76 29.08
CA LYS A 661 -0.06 9.15 28.79
C LYS A 661 -1.40 9.17 28.09
N ASN A 662 -1.59 8.30 27.12
CA ASN A 662 -2.86 8.24 26.39
C ASN A 662 -4.02 7.68 27.22
N VAL A 663 -3.74 6.68 28.05
CA VAL A 663 -4.75 6.18 28.96
C VAL A 663 -5.21 7.33 29.87
N GLU A 664 -4.24 8.09 30.40
CA GLU A 664 -4.56 9.24 31.29
C GLU A 664 -5.37 10.34 30.59
N THR A 665 -5.02 10.64 29.34
CA THR A 665 -5.71 11.66 28.59
C THR A 665 -7.16 11.23 28.35
N PHE A 666 -7.32 10.01 27.88
CA PHE A 666 -8.63 9.41 27.66
C PHE A 666 -9.50 9.45 28.92
N ALA A 667 -8.90 9.07 30.05
CA ALA A 667 -9.61 8.98 31.31
C ALA A 667 -10.09 10.36 31.75
N LYS A 668 -9.22 11.34 31.56
CA LYS A 668 -9.56 12.71 31.89
C LYS A 668 -10.67 13.21 30.97
N TRP A 669 -10.59 12.93 29.67
CA TRP A 669 -11.64 13.36 28.73
C TRP A 669 -13.01 12.78 29.06
N LYS A 670 -13.04 11.52 29.48
CA LYS A 670 -14.31 10.84 29.76
C LYS A 670 -14.66 10.66 31.23
N GLY A 671 -13.86 11.23 32.13
CA GLY A 671 -14.13 11.15 33.56
C GLY A 671 -14.17 9.76 34.13
N ILE A 672 -13.21 8.92 33.76
CA ILE A 672 -13.14 7.56 34.25
C ILE A 672 -11.95 7.46 35.19
N LYS A 673 -12.14 6.79 36.32
CA LYS A 673 -11.08 6.58 37.32
C LYS A 673 -10.25 5.35 36.94
N ILE A 674 -8.96 5.55 36.72
CA ILE A 674 -8.06 4.45 36.35
C ILE A 674 -7.17 4.03 37.50
N THR A 675 -7.07 2.73 37.71
CA THR A 675 -6.15 2.15 38.68
C THR A 675 -5.08 1.44 37.85
N TYR A 676 -3.80 1.75 38.09
CA TYR A 676 -2.73 1.14 37.32
C TYR A 676 -2.01 0.03 38.05
N LYS A 677 -1.64 -1.00 37.29
CA LYS A 677 -0.78 -2.07 37.75
C LYS A 677 0.42 -2.04 36.80
N GLY A 678 1.62 -1.84 37.33
CA GLY A 678 2.82 -1.83 36.48
C GLY A 678 3.51 -0.49 36.43
N GLY A 679 4.73 -0.49 35.89
CA GLY A 679 5.57 0.71 35.80
C GLY A 679 5.04 1.71 34.79
N LYS A 680 5.20 2.99 35.12
CA LYS A 680 4.72 4.12 34.29
C LYS A 680 5.21 4.13 32.83
N SER A 681 6.40 3.59 32.60
CA SER A 681 7.02 3.55 31.27
C SER A 681 6.31 2.64 30.25
N GLY A 682 5.48 1.72 30.74
CA GLY A 682 4.85 0.76 29.87
C GLY A 682 3.61 1.15 29.12
N THR A 683 3.15 0.18 28.34
CA THR A 683 1.96 0.29 27.55
C THR A 683 1.00 -0.77 28.06
N VAL A 684 -0.27 -0.53 27.79
CA VAL A 684 -1.34 -1.38 28.25
C VAL A 684 -1.22 -2.82 27.74
N THR A 685 -1.29 -3.77 28.67
CA THR A 685 -1.30 -5.20 28.34
C THR A 685 -2.61 -5.88 28.73
N LYS A 686 -3.38 -5.26 29.63
N LYS A 686 -3.40 -5.23 29.59
CA LYS A 686 -4.68 -5.81 30.04
CA LYS A 686 -4.68 -5.78 30.01
C LYS A 686 -5.58 -4.68 30.53
C LYS A 686 -5.58 -4.66 30.50
N GLN A 687 -6.88 -4.86 30.36
CA GLN A 687 -7.89 -3.89 30.83
C GLN A 687 -8.98 -4.73 31.52
N SER A 688 -9.48 -4.25 32.66
CA SER A 688 -10.45 -5.00 33.46
C SER A 688 -11.87 -4.89 32.94
N VAL A 689 -12.12 -3.93 32.04
CA VAL A 689 -13.43 -3.78 31.41
C VAL A 689 -13.24 -4.04 29.91
N ALA A 690 -14.06 -4.92 29.35
CA ALA A 690 -13.93 -5.31 27.94
C ALA A 690 -14.24 -4.18 26.96
N ALA A 691 -13.54 -4.20 25.82
CA ALA A 691 -13.75 -3.22 24.77
C ALA A 691 -15.20 -3.31 24.32
N GLY A 692 -15.80 -2.16 24.04
CA GLY A 692 -17.19 -2.14 23.56
C GLY A 692 -18.25 -1.86 24.62
N GLU A 693 -17.88 -1.86 25.89
CA GLU A 693 -18.82 -1.55 26.97
C GLU A 693 -19.14 -0.07 26.90
N ALA A 694 -20.37 0.31 27.27
CA ALA A 694 -20.78 1.70 27.24
C ALA A 694 -19.92 2.57 28.17
N LEU A 695 -19.43 3.70 27.64
CA LEU A 695 -18.65 4.63 28.46
C LEU A 695 -19.51 5.25 29.58
N SER A 696 -20.80 5.46 29.29
CA SER A 696 -21.75 6.02 30.25
C SER A 696 -21.90 5.20 31.53
N LYS A 697 -21.62 3.91 31.47
CA LYS A 697 -21.69 3.09 32.68
C LYS A 697 -20.31 2.66 33.22
N THR A 698 -19.24 3.09 32.56
CA THR A 698 -17.90 2.73 32.96
C THR A 698 -17.32 3.85 33.84
N LYS A 699 -17.15 3.55 35.13
CA LYS A 699 -16.64 4.56 36.08
C LYS A 699 -15.20 4.31 36.48
N LYS A 700 -14.82 3.03 36.46
CA LYS A 700 -13.50 2.60 36.89
C LYS A 700 -12.94 1.50 35.99
N ILE A 701 -11.65 1.54 35.75
CA ILE A 701 -10.98 0.49 35.02
C ILE A 701 -9.62 0.23 35.68
N THR A 702 -9.26 -1.04 35.75
CA THR A 702 -7.93 -1.41 36.19
C THR A 702 -7.14 -1.71 34.91
N ILE A 703 -6.10 -0.94 34.70
CA ILE A 703 -5.23 -1.09 33.54
C ILE A 703 -3.88 -1.65 33.97
N THR A 704 -3.47 -2.73 33.32
CA THR A 704 -2.17 -3.32 33.54
C THR A 704 -1.23 -2.79 32.47
N LEU A 705 -0.06 -2.32 32.90
CA LEU A 705 0.96 -1.81 32.00
C LEU A 705 2.15 -2.79 31.96
N GLY A 706 2.71 -2.98 30.77
CA GLY A 706 3.87 -3.84 30.56
C GLY A 706 4.94 -3.04 29.82
N ASP A 707 6.07 -2.81 30.49
CA ASP A 707 7.18 -2.06 29.87
C ASP A 707 8.18 -3.06 29.24
CL CL B . -7.00 4.78 12.24
C ACT C . 16.73 15.63 -11.84
O ACT C . 16.71 15.75 -10.59
OXT ACT C . 15.72 15.79 -12.54
CH3 ACT C . 18.03 15.28 -12.51
C ACT D . -1.73 -34.28 10.35
O ACT D . -2.18 -33.31 10.98
OXT ACT D . -0.68 -34.22 9.68
CH3 ACT D . -2.48 -35.60 10.41
#